data_8ETM
#
_entry.id   8ETM
#
_cell.length_a   1.00
_cell.length_b   1.00
_cell.length_c   1.00
_cell.angle_alpha   90.00
_cell.angle_beta   90.00
_cell.angle_gamma   90.00
#
_symmetry.space_group_name_H-M   'P 1'
#
loop_
_entity.id
_entity.type
_entity.pdbx_description
1 polymer 'Diacylglycerol O-acyltransferase 1'
2 non-polymer '[(1S,4r)-4-{4-[(4S)-2-({[4-(trifluoromethoxy)phenyl]methyl}carbamoyl)imidazo[1,2-a]pyridin-6-yl]phenyl}cyclohexyl]acetic acid'
#
_entity_poly.entity_id   1
_entity_poly.type   'polypeptide(L)'
_entity_poly.pdbx_seq_one_letter_code
;MGDRGSSRRRRTGSRPSSHGGGGPAAAEEEVRDAAAGPDVGAAGDAPAPAPNKDGDAGVGSGHWELRCHRLQDSLFSSDS
GFSNYRGILNWCVVMLILSNARLFLENLIKYGILVDPIQVVSLFLKDPYSWPAPCLVIAANVFAVAAFQVEKRLAVGALT
EQAGLLLHVANLATILCFPAAVVLLVESITPVGSLLALMAHTILFLKLFSYRDVNSWCRRARAKAASAGKKASSAAAPHT
VSYPDNLTYRDLYYFLFAPTLCYELNFPRSPRIRKRFLLRRILEMLFFTQLQVGLIQQWMVPTIQNSMKPFKDMDYSRII
ERLLKLAVPNHLIWLIFFYWLFHSCLNAVAELMQFGDREFYRDWWNSESVTYFWQNWNIPVHKWCIRHFYKPMLRRGSSK
WMARTGVFLASAFFHEYLVSVPLRMFRLWAFTGMMAQIPLAWFVGRFFQGNYGNAAVWLSLIIGQPIAVLMYVHDYYVLN
YEAPAAEA
;
_entity_poly.pdbx_strand_id   A,B
#
loop_
_chem_comp.id
_chem_comp.type
_chem_comp.name
_chem_comp.formula
WTT non-polymer '[(1S,4r)-4-{4-[(4S)-2-({[4-(trifluoromethoxy)phenyl]methyl}carbamoyl)imidazo[1,2-a]pyridin-6-yl]phenyl}cyclohexyl]acetic acid' 'C30 H28 F3 N3 O4'
#
# COMPACT_ATOMS: atom_id res chain seq x y z
N LEU A 66 -2.48 28.69 -23.61
CA LEU A 66 -3.55 28.96 -22.65
C LEU A 66 -3.13 28.58 -21.25
N ARG A 67 -4.08 28.60 -20.32
CA ARG A 67 -3.83 28.28 -18.93
C ARG A 67 -3.50 26.80 -18.80
N CYS A 68 -2.22 26.49 -18.64
CA CYS A 68 -1.78 25.11 -18.44
C CYS A 68 -1.39 24.85 -16.98
N HIS A 69 -1.86 25.69 -16.06
CA HIS A 69 -1.57 25.53 -14.64
C HIS A 69 -2.87 25.75 -13.87
N ARG A 70 -3.58 24.67 -13.61
CA ARG A 70 -4.76 24.76 -12.76
C ARG A 70 -4.34 24.84 -11.29
N LEU A 71 -5.27 25.32 -10.48
CA LEU A 71 -5.04 25.38 -9.04
C LEU A 71 -5.60 24.11 -8.43
N GLN A 72 -4.72 23.19 -8.06
CA GLN A 72 -5.14 21.91 -7.50
C GLN A 72 -4.20 21.56 -6.36
N ASP A 73 -4.23 20.31 -5.94
CA ASP A 73 -3.38 19.86 -4.84
C ASP A 73 -2.82 18.48 -5.16
N SER A 74 -1.71 18.17 -4.50
CA SER A 74 -0.94 16.97 -4.85
C SER A 74 -1.70 15.72 -4.41
N LEU A 75 -1.41 14.62 -5.09
CA LEU A 75 -2.14 13.38 -4.85
C LEU A 75 -1.95 12.92 -3.41
N PHE A 76 -0.73 12.56 -3.03
CA PHE A 76 -0.49 12.05 -1.70
C PHE A 76 -0.94 13.03 -0.62
N SER A 77 -1.19 14.28 -1.01
CA SER A 77 -1.41 15.31 -0.02
C SER A 77 -2.62 14.99 0.83
N SER A 78 -2.61 15.53 2.05
CA SER A 78 -3.52 15.06 3.09
C SER A 78 -4.99 15.25 2.72
N ASP A 79 -5.29 16.13 1.77
CA ASP A 79 -6.69 16.48 1.54
C ASP A 79 -7.06 16.54 0.07
N SER A 80 -6.34 15.85 -0.81
CA SER A 80 -6.78 15.82 -2.21
C SER A 80 -7.98 14.91 -2.38
N GLY A 81 -8.03 13.80 -1.64
CA GLY A 81 -9.07 12.83 -1.84
C GLY A 81 -8.90 12.10 -3.15
N PHE A 82 -7.71 11.55 -3.39
CA PHE A 82 -7.48 10.78 -4.60
C PHE A 82 -7.97 9.34 -4.46
N SER A 83 -7.31 8.56 -3.60
CA SER A 83 -7.76 7.23 -3.22
C SER A 83 -7.97 6.33 -4.43
N ASN A 84 -6.87 6.02 -5.11
CA ASN A 84 -6.87 5.03 -6.19
C ASN A 84 -5.60 4.20 -6.15
N TYR A 85 -5.21 3.75 -4.96
CA TYR A 85 -3.88 3.18 -4.77
C TYR A 85 -3.82 1.69 -5.06
N ARG A 86 -4.74 1.14 -5.83
CA ARG A 86 -4.62 -0.27 -6.20
C ARG A 86 -3.47 -0.39 -7.18
N GLY A 87 -2.32 -0.80 -6.67
CA GLY A 87 -1.09 -0.72 -7.41
C GLY A 87 0.01 -0.46 -6.42
N ILE A 88 -0.37 0.03 -5.25
CA ILE A 88 0.48 -0.15 -4.09
C ILE A 88 0.44 -1.60 -3.66
N LEU A 89 -0.74 -2.20 -3.66
CA LEU A 89 -0.85 -3.60 -3.30
C LEU A 89 -0.17 -4.51 -4.31
N ASN A 90 -0.22 -4.15 -5.59
CA ASN A 90 0.57 -4.93 -6.54
C ASN A 90 2.05 -4.81 -6.23
N TRP A 91 2.49 -3.68 -5.72
CA TRP A 91 3.88 -3.59 -5.29
C TRP A 91 4.16 -4.52 -4.14
N CYS A 92 3.26 -4.56 -3.16
CA CYS A 92 3.45 -5.50 -2.05
C CYS A 92 3.53 -6.92 -2.55
N VAL A 93 2.66 -7.28 -3.48
CA VAL A 93 2.66 -8.63 -4.04
C VAL A 93 3.98 -8.93 -4.72
N VAL A 94 4.45 -8.02 -5.57
CA VAL A 94 5.65 -8.30 -6.34
C VAL A 94 6.86 -8.35 -5.42
N MET A 95 6.90 -7.51 -4.40
CA MET A 95 8.04 -7.57 -3.48
C MET A 95 8.02 -8.87 -2.68
N LEU A 96 6.84 -9.31 -2.24
CA LEU A 96 6.78 -10.57 -1.51
C LEU A 96 7.22 -11.73 -2.40
N ILE A 97 6.78 -11.74 -3.65
CA ILE A 97 7.22 -12.79 -4.55
C ILE A 97 8.72 -12.75 -4.73
N LEU A 98 9.26 -11.58 -5.04
CA LEU A 98 10.69 -11.46 -5.25
C LEU A 98 11.47 -11.94 -4.04
N SER A 99 10.96 -11.66 -2.84
CA SER A 99 11.73 -11.92 -1.63
C SER A 99 11.49 -13.28 -1.04
N ASN A 100 10.51 -14.04 -1.52
CA ASN A 100 10.28 -15.38 -0.97
C ASN A 100 10.07 -16.45 -2.03
N ALA A 101 10.28 -16.15 -3.31
CA ALA A 101 9.91 -17.10 -4.35
C ALA A 101 10.79 -18.33 -4.33
N ARG A 102 12.10 -18.13 -4.26
CA ARG A 102 13.01 -19.27 -4.25
C ARG A 102 12.71 -20.17 -3.07
N LEU A 103 12.61 -19.60 -1.87
CA LEU A 103 12.34 -20.38 -0.68
C LEU A 103 11.02 -21.13 -0.81
N PHE A 104 9.99 -20.47 -1.36
CA PHE A 104 8.71 -21.13 -1.50
C PHE A 104 8.77 -22.26 -2.50
N LEU A 105 9.53 -22.10 -3.58
CA LEU A 105 9.66 -23.19 -4.53
C LEU A 105 10.40 -24.37 -3.94
N GLU A 106 11.44 -24.11 -3.13
CA GLU A 106 12.10 -25.21 -2.44
C GLU A 106 11.12 -25.95 -1.54
N ASN A 107 10.39 -25.20 -0.71
CA ASN A 107 9.48 -25.85 0.23
C ASN A 107 8.36 -26.58 -0.49
N LEU A 108 7.93 -26.08 -1.66
CA LEU A 108 6.90 -26.78 -2.40
C LEU A 108 7.45 -28.05 -3.02
N ILE A 109 8.58 -27.97 -3.72
CA ILE A 109 9.16 -29.15 -4.32
C ILE A 109 9.55 -30.17 -3.27
N LYS A 110 9.67 -29.75 -2.01
CA LYS A 110 9.89 -30.71 -0.93
C LYS A 110 8.58 -31.33 -0.46
N TYR A 111 7.66 -30.52 0.06
CA TYR A 111 6.49 -31.06 0.74
C TYR A 111 5.41 -31.54 -0.21
N GLY A 112 5.11 -30.76 -1.25
CA GLY A 112 3.94 -31.02 -2.09
C GLY A 112 4.00 -32.32 -2.87
N ILE A 113 5.18 -32.93 -2.97
CA ILE A 113 5.28 -34.20 -3.69
C ILE A 113 4.69 -35.35 -2.91
N LEU A 114 4.31 -35.12 -1.65
CA LEU A 114 3.77 -36.18 -0.81
C LEU A 114 2.34 -36.54 -1.21
N VAL A 115 1.74 -37.45 -0.46
CA VAL A 115 0.44 -38.04 -0.78
C VAL A 115 -0.57 -37.66 0.29
N ASP A 116 -0.44 -36.43 0.82
CA ASP A 116 -1.13 -35.89 1.99
C ASP A 116 -2.57 -36.39 2.17
N PRO A 117 -3.48 -36.21 1.18
CA PRO A 117 -4.88 -36.58 1.43
C PRO A 117 -5.08 -38.08 1.64
N ILE A 118 -4.53 -38.89 0.74
CA ILE A 118 -4.70 -40.33 0.84
C ILE A 118 -4.09 -40.86 2.14
N GLN A 119 -2.86 -40.44 2.43
CA GLN A 119 -2.20 -40.95 3.62
C GLN A 119 -2.93 -40.51 4.88
N VAL A 120 -3.43 -39.27 4.91
CA VAL A 120 -4.09 -38.80 6.12
C VAL A 120 -5.43 -39.50 6.31
N VAL A 121 -6.19 -39.70 5.24
CA VAL A 121 -7.48 -40.36 5.39
C VAL A 121 -7.28 -41.82 5.78
N SER A 122 -6.25 -42.46 5.23
CA SER A 122 -5.96 -43.83 5.61
C SER A 122 -5.54 -43.93 7.07
N LEU A 123 -4.59 -43.09 7.49
CA LEU A 123 -4.11 -43.17 8.86
C LEU A 123 -5.20 -42.82 9.85
N PHE A 124 -6.19 -42.01 9.45
CA PHE A 124 -7.28 -41.75 10.36
C PHE A 124 -8.26 -42.91 10.40
N LEU A 125 -8.71 -43.38 9.23
CA LEU A 125 -9.75 -44.39 9.18
C LEU A 125 -9.27 -45.71 9.75
N LYS A 126 -7.97 -45.99 9.69
CA LYS A 126 -7.48 -47.27 10.20
C LYS A 126 -7.55 -47.35 11.72
N ASP A 127 -7.59 -46.22 12.41
CA ASP A 127 -7.70 -46.21 13.86
C ASP A 127 -8.26 -44.88 14.36
N PRO A 128 -9.58 -44.74 14.42
CA PRO A 128 -10.17 -43.54 15.00
C PRO A 128 -9.95 -43.47 16.50
N TYR A 129 -10.51 -42.44 17.13
CA TYR A 129 -10.41 -42.16 18.56
C TYR A 129 -8.99 -41.81 18.98
N SER A 130 -8.03 -41.85 18.06
CA SER A 130 -6.67 -41.44 18.35
C SER A 130 -6.43 -39.97 18.09
N TRP A 131 -7.35 -39.32 17.37
CA TRP A 131 -7.39 -37.86 17.24
C TRP A 131 -8.81 -37.45 17.56
N PRO A 132 -9.09 -37.11 18.82
CA PRO A 132 -10.47 -36.76 19.18
C PRO A 132 -10.96 -35.47 18.56
N ALA A 133 -10.08 -34.67 17.94
CA ALA A 133 -10.56 -33.43 17.33
C ALA A 133 -11.34 -33.68 16.05
N PRO A 134 -10.85 -34.45 15.08
CA PRO A 134 -11.73 -34.83 13.97
C PRO A 134 -12.91 -35.66 14.41
N CYS A 135 -12.74 -36.49 15.43
CA CYS A 135 -13.89 -37.18 16.02
C CYS A 135 -14.98 -36.19 16.39
N LEU A 136 -14.59 -35.09 17.05
CA LEU A 136 -15.57 -34.11 17.50
C LEU A 136 -16.15 -33.33 16.33
N VAL A 137 -15.31 -32.98 15.36
CA VAL A 137 -15.80 -32.29 14.17
C VAL A 137 -16.85 -33.13 13.46
N ILE A 138 -16.64 -34.44 13.42
CA ILE A 138 -17.64 -35.32 12.82
C ILE A 138 -18.86 -35.43 13.71
N ALA A 139 -18.66 -35.45 15.03
CA ALA A 139 -19.77 -35.54 15.95
C ALA A 139 -20.70 -34.33 15.86
N ALA A 140 -20.21 -33.20 15.37
CA ALA A 140 -21.10 -32.05 15.18
C ALA A 140 -22.26 -32.36 14.24
N ASN A 141 -22.08 -33.36 13.36
CA ASN A 141 -23.14 -33.72 12.44
C ASN A 141 -24.41 -34.14 13.15
N VAL A 142 -24.30 -34.66 14.36
CA VAL A 142 -25.50 -35.11 15.04
C VAL A 142 -26.34 -33.92 15.47
N PHE A 143 -25.71 -32.82 15.88
CA PHE A 143 -26.48 -31.61 16.18
C PHE A 143 -27.07 -31.02 14.91
N ALA A 144 -26.29 -31.04 13.83
CA ALA A 144 -26.82 -30.57 12.56
C ALA A 144 -28.08 -31.34 12.19
N VAL A 145 -28.01 -32.66 12.24
CA VAL A 145 -29.14 -33.49 11.86
C VAL A 145 -30.29 -33.32 12.84
N ALA A 146 -29.99 -33.11 14.12
CA ALA A 146 -31.06 -32.90 15.09
C ALA A 146 -31.84 -31.64 14.77
N ALA A 147 -31.14 -30.56 14.44
CA ALA A 147 -31.85 -29.34 14.07
C ALA A 147 -32.65 -29.54 12.79
N PHE A 148 -32.07 -30.22 11.80
CA PHE A 148 -32.80 -30.53 10.58
C PHE A 148 -34.08 -31.29 10.89
N GLN A 149 -33.97 -32.32 11.73
CA GLN A 149 -35.12 -33.15 12.04
C GLN A 149 -36.19 -32.35 12.77
N VAL A 150 -35.79 -31.55 13.75
CA VAL A 150 -36.78 -30.75 14.46
C VAL A 150 -37.51 -29.82 13.49
N GLU A 151 -36.77 -29.22 12.56
CA GLU A 151 -37.41 -28.34 11.60
C GLU A 151 -38.39 -29.10 10.73
N LYS A 152 -37.99 -30.28 10.26
CA LYS A 152 -38.85 -31.04 9.37
C LYS A 152 -40.08 -31.55 10.09
N ARG A 153 -39.94 -31.92 11.36
CA ARG A 153 -41.10 -32.35 12.14
C ARG A 153 -42.07 -31.19 12.35
N LEU A 154 -41.58 -30.07 12.88
CA LEU A 154 -42.49 -28.97 13.08
C LEU A 154 -42.88 -28.28 11.78
N ALA A 155 -42.36 -28.74 10.65
CA ALA A 155 -42.81 -28.21 9.37
C ALA A 155 -44.22 -28.67 9.04
N VAL A 156 -44.54 -29.92 9.37
CA VAL A 156 -45.85 -30.46 9.02
C VAL A 156 -46.90 -29.98 10.03
N GLY A 157 -46.50 -29.66 11.24
CA GLY A 157 -47.45 -29.18 12.23
C GLY A 157 -47.16 -29.67 13.63
N ALA A 158 -46.43 -30.77 13.76
CA ALA A 158 -46.07 -31.28 15.07
C ALA A 158 -45.21 -30.25 15.82
N LEU A 159 -45.02 -30.49 17.11
CA LEU A 159 -44.14 -29.67 17.94
C LEU A 159 -44.59 -28.20 17.91
N THR A 160 -45.75 -27.96 18.51
CA THR A 160 -46.26 -26.60 18.66
C THR A 160 -45.15 -25.63 19.01
N GLU A 161 -45.18 -24.46 18.39
CA GLU A 161 -44.01 -23.60 18.22
C GLU A 161 -43.11 -23.50 19.44
N GLN A 162 -43.68 -23.45 20.64
CA GLN A 162 -42.83 -23.40 21.83
C GLN A 162 -42.02 -24.67 21.99
N ALA A 163 -42.59 -25.82 21.61
CA ALA A 163 -41.84 -27.07 21.69
C ALA A 163 -40.63 -27.03 20.79
N GLY A 164 -40.83 -26.66 19.52
CA GLY A 164 -39.70 -26.55 18.62
C GLY A 164 -38.69 -25.52 19.08
N LEU A 165 -39.17 -24.42 19.65
CA LEU A 165 -38.25 -23.39 20.13
C LEU A 165 -37.35 -23.94 21.23
N LEU A 166 -37.93 -24.60 22.22
CA LEU A 166 -37.09 -25.11 23.30
C LEU A 166 -36.22 -26.27 22.84
N LEU A 167 -36.68 -27.05 21.86
CA LEU A 167 -35.80 -28.07 21.31
C LEU A 167 -34.60 -27.45 20.62
N HIS A 168 -34.81 -26.36 19.87
CA HIS A 168 -33.69 -25.66 19.26
C HIS A 168 -32.75 -25.09 20.31
N VAL A 169 -33.31 -24.49 21.36
CA VAL A 169 -32.47 -23.91 22.40
C VAL A 169 -31.62 -24.99 23.05
N ALA A 170 -32.24 -26.13 23.36
CA ALA A 170 -31.47 -27.24 23.92
C ALA A 170 -30.36 -27.66 22.97
N ASN A 171 -30.68 -27.76 21.68
CA ASN A 171 -29.66 -28.18 20.72
C ASN A 171 -28.50 -27.21 20.67
N LEU A 172 -28.79 -25.91 20.69
CA LEU A 172 -27.73 -24.91 20.58
C LEU A 172 -26.87 -24.90 21.84
N ALA A 173 -27.51 -24.92 23.01
CA ALA A 173 -26.74 -25.00 24.24
C ALA A 173 -25.88 -26.25 24.26
N THR A 174 -26.37 -27.33 23.65
CA THR A 174 -25.55 -28.54 23.56
C THR A 174 -24.35 -28.30 22.65
N ILE A 175 -24.59 -27.70 21.48
CA ILE A 175 -23.50 -27.41 20.54
C ILE A 175 -22.42 -26.59 21.23
N LEU A 176 -22.81 -25.70 22.13
CA LEU A 176 -21.80 -24.93 22.83
C LEU A 176 -21.10 -25.75 23.91
N CYS A 177 -21.87 -26.29 24.86
CA CYS A 177 -21.28 -26.86 26.06
C CYS A 177 -20.62 -28.21 25.83
N PHE A 178 -20.93 -28.91 24.75
CA PHE A 178 -20.40 -30.25 24.57
C PHE A 178 -18.94 -30.26 24.13
N PRO A 179 -18.54 -29.57 23.07
CA PRO A 179 -17.14 -29.61 22.68
C PRO A 179 -16.22 -28.99 23.70
N ALA A 180 -16.67 -27.94 24.37
CA ALA A 180 -15.89 -27.38 25.46
C ALA A 180 -15.65 -28.41 26.54
N ALA A 181 -16.71 -29.11 26.96
CA ALA A 181 -16.56 -30.15 27.98
C ALA A 181 -15.60 -31.22 27.52
N VAL A 182 -15.68 -31.61 26.24
CA VAL A 182 -14.81 -32.67 25.75
C VAL A 182 -13.35 -32.22 25.79
N VAL A 183 -13.04 -31.07 25.19
CA VAL A 183 -11.66 -30.63 25.14
C VAL A 183 -11.14 -30.28 26.52
N LEU A 184 -12.02 -30.00 27.47
CA LEU A 184 -11.57 -29.70 28.83
C LEU A 184 -11.29 -30.96 29.63
N LEU A 185 -12.03 -32.04 29.35
CA LEU A 185 -11.91 -33.28 30.11
C LEU A 185 -11.25 -34.39 29.31
N VAL A 186 -10.43 -34.04 28.33
CA VAL A 186 -9.63 -35.00 27.58
C VAL A 186 -8.27 -34.38 27.34
N GLU A 187 -7.22 -35.07 27.77
CA GLU A 187 -5.88 -34.50 27.72
C GLU A 187 -5.12 -34.86 26.46
N SER A 188 -5.58 -35.86 25.70
CA SER A 188 -4.84 -36.32 24.55
C SER A 188 -5.09 -35.49 23.29
N ILE A 189 -5.63 -34.28 23.42
CA ILE A 189 -6.01 -33.48 22.27
C ILE A 189 -5.05 -32.32 22.13
N THR A 190 -4.68 -32.03 20.90
CA THR A 190 -3.76 -30.96 20.60
C THR A 190 -4.47 -29.61 20.67
N PRO A 191 -3.79 -28.56 21.17
CA PRO A 191 -4.46 -27.25 21.27
C PRO A 191 -4.87 -26.69 19.92
N VAL A 192 -4.12 -26.95 18.86
CA VAL A 192 -4.53 -26.48 17.55
C VAL A 192 -5.79 -27.23 17.09
N GLY A 193 -5.78 -28.56 17.23
CA GLY A 193 -6.97 -29.32 16.91
C GLY A 193 -8.15 -28.90 17.77
N SER A 194 -7.90 -28.59 19.03
CA SER A 194 -8.97 -28.13 19.90
C SER A 194 -9.54 -26.81 19.42
N LEU A 195 -8.66 -25.89 19.04
CA LEU A 195 -9.14 -24.61 18.50
C LEU A 195 -9.97 -24.81 17.25
N LEU A 196 -9.52 -25.69 16.37
CA LEU A 196 -10.30 -25.93 15.15
C LEU A 196 -11.65 -26.55 15.48
N ALA A 197 -11.69 -27.46 16.45
CA ALA A 197 -12.96 -28.07 16.82
C ALA A 197 -13.91 -27.03 17.36
N LEU A 198 -13.43 -26.17 18.26
CA LEU A 198 -14.29 -25.12 18.81
C LEU A 198 -14.72 -24.14 17.73
N MET A 199 -13.84 -23.85 16.78
CA MET A 199 -14.20 -22.95 15.70
C MET A 199 -15.33 -23.54 14.88
N ALA A 200 -15.20 -24.81 14.49
CA ALA A 200 -16.26 -25.46 13.75
C ALA A 200 -17.56 -25.44 14.54
N HIS A 201 -17.48 -25.64 15.86
CA HIS A 201 -18.71 -25.73 16.61
C HIS A 201 -19.37 -24.37 16.77
N THR A 202 -18.59 -23.30 16.91
CA THR A 202 -19.24 -21.99 17.02
C THR A 202 -19.78 -21.52 15.68
N ILE A 203 -19.08 -21.84 14.59
CA ILE A 203 -19.65 -21.57 13.27
C ILE A 203 -20.97 -22.30 13.11
N LEU A 204 -21.00 -23.57 13.52
CA LEU A 204 -22.24 -24.34 13.43
C LEU A 204 -23.33 -23.74 14.30
N PHE A 205 -22.97 -23.29 15.50
CA PHE A 205 -23.93 -22.63 16.37
C PHE A 205 -24.59 -21.46 15.65
N LEU A 206 -23.78 -20.57 15.09
CA LEU A 206 -24.32 -19.38 14.45
C LEU A 206 -25.15 -19.74 13.23
N LYS A 207 -24.65 -20.67 12.41
CA LYS A 207 -25.39 -21.08 11.23
C LYS A 207 -26.75 -21.64 11.60
N LEU A 208 -26.82 -22.47 12.64
CA LEU A 208 -28.09 -23.07 12.99
C LEU A 208 -29.02 -22.06 13.66
N PHE A 209 -28.47 -21.10 14.39
CA PHE A 209 -29.29 -20.02 14.90
C PHE A 209 -30.00 -19.32 13.76
N SER A 210 -29.26 -19.01 12.70
CA SER A 210 -29.87 -18.35 11.55
C SER A 210 -30.85 -19.28 10.84
N TYR A 211 -30.53 -20.57 10.75
CA TYR A 211 -31.44 -21.54 10.15
C TYR A 211 -32.78 -21.51 10.85
N ARG A 212 -32.75 -21.60 12.18
CA ARG A 212 -33.98 -21.53 12.97
C ARG A 212 -34.74 -20.26 12.67
N ASP A 213 -34.06 -19.10 12.74
CA ASP A 213 -34.79 -17.85 12.57
C ASP A 213 -35.41 -17.73 11.18
N VAL A 214 -34.68 -18.12 10.15
CA VAL A 214 -35.21 -17.99 8.79
C VAL A 214 -36.39 -18.92 8.59
N ASN A 215 -36.27 -20.17 9.04
CA ASN A 215 -37.37 -21.10 8.88
C ASN A 215 -38.59 -20.62 9.66
N SER A 216 -38.38 -20.08 10.85
CA SER A 216 -39.50 -19.55 11.62
C SER A 216 -40.17 -18.39 10.91
N TRP A 217 -39.37 -17.46 10.37
CA TRP A 217 -39.95 -16.33 9.67
C TRP A 217 -40.78 -16.79 8.49
N CYS A 218 -40.20 -17.63 7.63
CA CYS A 218 -40.93 -18.04 6.43
C CYS A 218 -42.14 -18.91 6.78
N ARG A 219 -42.06 -19.67 7.88
CA ARG A 219 -43.20 -20.46 8.29
C ARG A 219 -44.34 -19.58 8.77
N ARG A 220 -44.03 -18.57 9.59
CA ARG A 220 -45.08 -17.66 10.02
C ARG A 220 -45.62 -16.84 8.86
N ALA A 221 -44.79 -16.57 7.85
CA ALA A 221 -45.29 -15.91 6.65
C ALA A 221 -46.28 -16.80 5.92
N ARG A 222 -45.94 -18.08 5.74
CA ARG A 222 -46.90 -19.01 5.14
C ARG A 222 -48.15 -19.16 5.99
N ALA A 223 -48.01 -19.07 7.31
CA ALA A 223 -49.18 -19.17 8.18
C ALA A 223 -50.11 -17.98 7.98
N LYS A 224 -49.55 -16.77 7.96
CA LYS A 224 -50.37 -15.60 7.70
C LYS A 224 -50.96 -15.62 6.30
N ALA A 225 -50.26 -16.21 5.33
CA ALA A 225 -50.81 -16.34 4.00
C ALA A 225 -51.93 -17.38 3.97
N ALA A 226 -51.88 -18.36 4.88
CA ALA A 226 -52.95 -19.34 5.00
C ALA A 226 -54.28 -18.70 5.42
N SER A 227 -54.25 -17.44 5.87
CA SER A 227 -55.47 -16.68 6.12
C SER A 227 -55.95 -15.92 4.89
N ALA A 228 -55.57 -16.37 3.70
CA ALA A 228 -55.94 -15.69 2.46
C ALA A 228 -57.44 -15.70 2.26
N HIS A 239 -35.68 -21.71 -10.64
CA HIS A 239 -36.69 -20.77 -10.15
C HIS A 239 -36.63 -20.68 -8.63
N THR A 240 -37.23 -19.63 -8.09
CA THR A 240 -37.24 -19.41 -6.65
C THR A 240 -37.88 -20.60 -5.94
N VAL A 241 -37.31 -20.97 -4.79
CA VAL A 241 -37.82 -22.06 -3.97
C VAL A 241 -38.70 -21.48 -2.88
N SER A 242 -39.83 -22.13 -2.62
CA SER A 242 -40.78 -21.70 -1.61
C SER A 242 -40.35 -22.26 -0.25
N TYR A 243 -41.23 -22.16 0.74
CA TYR A 243 -40.86 -22.47 2.12
C TYR A 243 -40.54 -23.94 2.35
N PRO A 244 -41.49 -24.87 2.23
CA PRO A 244 -41.27 -26.19 2.82
C PRO A 244 -40.40 -27.09 1.97
N ASP A 245 -40.41 -26.86 0.66
CA ASP A 245 -39.68 -27.71 -0.26
C ASP A 245 -38.18 -27.57 -0.18
N ASN A 246 -37.66 -26.72 0.71
CA ASN A 246 -36.22 -26.56 0.84
C ASN A 246 -35.59 -27.55 1.81
N LEU A 247 -36.39 -28.12 2.71
CA LEU A 247 -35.84 -28.96 3.78
C LEU A 247 -35.38 -30.29 3.18
N THR A 248 -34.22 -30.27 2.56
CA THR A 248 -33.57 -31.47 2.06
C THR A 248 -32.17 -31.54 2.64
N TYR A 249 -31.67 -32.77 2.81
CA TYR A 249 -30.33 -32.94 3.36
C TYR A 249 -29.30 -32.17 2.53
N ARG A 250 -29.41 -32.23 1.21
CA ARG A 250 -28.43 -31.56 0.37
C ARG A 250 -28.45 -30.06 0.62
N ASP A 251 -29.64 -29.46 0.68
CA ASP A 251 -29.73 -28.04 0.94
C ASP A 251 -29.10 -27.68 2.28
N LEU A 252 -29.46 -28.41 3.33
CA LEU A 252 -28.93 -28.10 4.65
C LEU A 252 -27.42 -28.19 4.66
N TYR A 253 -26.86 -29.28 4.15
CA TYR A 253 -25.42 -29.40 4.17
C TYR A 253 -24.75 -28.34 3.31
N TYR A 254 -25.36 -28.00 2.17
CA TYR A 254 -24.81 -26.92 1.37
C TYR A 254 -24.74 -25.65 2.18
N PHE A 255 -25.78 -25.34 2.94
CA PHE A 255 -25.71 -24.18 3.80
C PHE A 255 -24.62 -24.35 4.85
N LEU A 256 -24.40 -25.57 5.32
CA LEU A 256 -23.40 -25.77 6.36
C LEU A 256 -22.02 -25.41 5.85
N PHE A 257 -21.66 -25.88 4.66
CA PHE A 257 -20.36 -25.64 4.09
C PHE A 257 -20.30 -24.38 3.24
N ALA A 258 -21.20 -23.46 3.46
CA ALA A 258 -21.06 -22.32 2.58
C ALA A 258 -20.44 -21.14 3.34
N PRO A 259 -19.58 -20.37 2.68
CA PRO A 259 -18.86 -19.32 3.39
C PRO A 259 -19.76 -18.17 3.79
N THR A 260 -20.69 -18.42 4.69
CA THR A 260 -21.55 -17.36 5.20
C THR A 260 -22.27 -17.88 6.44
N LEU A 261 -22.76 -16.95 7.23
CA LEU A 261 -23.45 -17.30 8.47
C LEU A 261 -24.92 -16.95 8.43
N CYS A 262 -25.44 -16.47 7.32
CA CYS A 262 -26.82 -16.05 7.22
C CYS A 262 -27.53 -17.01 6.29
N TYR A 263 -28.40 -17.85 6.84
CA TYR A 263 -29.14 -18.79 6.02
C TYR A 263 -30.13 -18.05 5.15
N GLU A 264 -30.30 -18.55 3.93
CA GLU A 264 -31.19 -17.92 2.98
C GLU A 264 -31.46 -18.87 1.81
N LEU A 265 -32.72 -19.12 1.51
CA LEU A 265 -33.03 -19.92 0.34
C LEU A 265 -32.54 -19.21 -0.91
N ASN A 266 -32.26 -20.00 -1.95
CA ASN A 266 -31.84 -19.46 -3.24
C ASN A 266 -30.57 -18.63 -3.09
N PHE A 267 -29.51 -19.31 -2.72
CA PHE A 267 -28.21 -18.66 -2.65
C PHE A 267 -27.75 -18.35 -4.07
N PRO A 268 -27.32 -17.13 -4.35
CA PRO A 268 -26.92 -16.79 -5.72
C PRO A 268 -25.72 -17.60 -6.16
N ARG A 269 -25.94 -18.52 -7.10
CA ARG A 269 -24.86 -19.38 -7.53
C ARG A 269 -24.01 -18.68 -8.58
N SER A 270 -22.84 -19.13 -8.70
CA SER A 270 -21.93 -18.62 -9.71
C SER A 270 -21.96 -19.52 -10.93
N PRO A 271 -21.73 -18.97 -12.12
CA PRO A 271 -21.89 -19.78 -13.34
C PRO A 271 -20.99 -21.00 -13.40
N ARG A 272 -19.69 -20.85 -13.25
CA ARG A 272 -18.77 -21.96 -13.47
C ARG A 272 -17.70 -21.95 -12.38
N ILE A 273 -16.64 -22.71 -12.60
CA ILE A 273 -15.69 -23.03 -11.54
C ILE A 273 -14.43 -22.19 -11.64
N ARG A 274 -14.00 -21.84 -12.85
CA ARG A 274 -12.84 -20.98 -13.04
C ARG A 274 -11.58 -21.61 -12.42
N LYS A 275 -11.16 -22.73 -13.02
CA LYS A 275 -10.02 -23.48 -12.49
C LYS A 275 -8.82 -22.60 -12.22
N ARG A 276 -8.58 -21.60 -13.06
CA ARG A 276 -7.44 -20.72 -12.86
C ARG A 276 -7.56 -19.94 -11.55
N PHE A 277 -8.73 -19.36 -11.32
CA PHE A 277 -8.99 -18.65 -10.07
C PHE A 277 -8.75 -19.56 -8.87
N LEU A 278 -9.27 -20.78 -8.95
CA LEU A 278 -9.08 -21.74 -7.88
C LEU A 278 -7.61 -22.00 -7.62
N LEU A 279 -6.85 -22.23 -8.68
CA LEU A 279 -5.42 -22.49 -8.52
C LEU A 279 -4.71 -21.31 -7.90
N ARG A 280 -5.04 -20.09 -8.35
CA ARG A 280 -4.43 -18.91 -7.77
C ARG A 280 -4.69 -18.86 -6.27
N ARG A 281 -5.92 -19.15 -5.87
CA ARG A 281 -6.24 -19.06 -4.45
C ARG A 281 -5.53 -20.13 -3.64
N ILE A 282 -5.42 -21.35 -4.18
CA ILE A 282 -4.68 -22.38 -3.45
C ILE A 282 -3.21 -22.00 -3.32
N LEU A 283 -2.64 -21.42 -4.38
CA LEU A 283 -1.26 -20.97 -4.30
C LEU A 283 -1.11 -19.88 -3.26
N GLU A 284 -2.08 -18.98 -3.17
CA GLU A 284 -2.04 -17.95 -2.14
C GLU A 284 -2.04 -18.57 -0.76
N MET A 285 -2.90 -19.56 -0.55
CA MET A 285 -2.95 -20.22 0.75
C MET A 285 -1.61 -20.82 1.11
N LEU A 286 -1.04 -21.62 0.20
CA LEU A 286 0.24 -22.27 0.49
C LEU A 286 1.33 -21.24 0.75
N PHE A 287 1.42 -20.24 -0.13
CA PHE A 287 2.43 -19.20 -0.01
C PHE A 287 2.36 -18.55 1.37
N PHE A 288 1.20 -17.98 1.69
CA PHE A 288 1.12 -17.24 2.94
C PHE A 288 1.26 -18.15 4.14
N THR A 289 0.89 -19.42 4.02
CA THR A 289 1.14 -20.36 5.10
C THR A 289 2.62 -20.48 5.38
N GLN A 290 3.40 -20.77 4.34
CA GLN A 290 4.85 -20.89 4.52
C GLN A 290 5.45 -19.57 5.01
N LEU A 291 4.94 -18.45 4.51
CA LEU A 291 5.47 -17.16 4.90
C LEU A 291 5.20 -16.88 6.37
N GLN A 292 4.04 -17.30 6.87
CA GLN A 292 3.71 -17.05 8.26
C GLN A 292 4.50 -17.98 9.18
N VAL A 293 4.69 -19.22 8.75
CA VAL A 293 5.60 -20.10 9.48
C VAL A 293 6.96 -19.43 9.62
N GLY A 294 7.47 -18.88 8.51
CA GLY A 294 8.74 -18.19 8.56
C GLY A 294 8.72 -17.03 9.54
N LEU A 295 7.71 -16.17 9.44
CA LEU A 295 7.59 -15.05 10.37
C LEU A 295 7.68 -15.52 11.81
N ILE A 296 6.89 -16.53 12.17
CA ILE A 296 6.86 -16.97 13.56
C ILE A 296 8.21 -17.51 13.96
N GLN A 297 8.74 -18.46 13.18
CA GLN A 297 9.97 -19.14 13.58
C GLN A 297 11.13 -18.17 13.70
N GLN A 298 11.28 -17.24 12.76
CA GLN A 298 12.48 -16.44 12.69
C GLN A 298 12.32 -15.05 13.27
N TRP A 299 11.15 -14.66 13.69
CA TRP A 299 11.06 -13.33 14.26
C TRP A 299 10.40 -13.32 15.63
N MET A 300 9.38 -14.15 15.83
CA MET A 300 8.61 -14.04 17.06
C MET A 300 9.08 -15.03 18.12
N VAL A 301 9.42 -16.25 17.74
CA VAL A 301 9.88 -17.25 18.70
C VAL A 301 11.17 -16.80 19.38
N PRO A 302 12.25 -16.50 18.65
CA PRO A 302 13.49 -16.14 19.34
C PRO A 302 13.35 -14.97 20.29
N THR A 303 12.52 -13.99 19.93
CA THR A 303 12.28 -12.87 20.81
C THR A 303 11.73 -13.31 22.16
N ILE A 304 11.10 -14.47 22.22
CA ILE A 304 10.63 -15.02 23.48
C ILE A 304 11.65 -15.96 24.09
N GLN A 305 12.30 -16.78 23.26
CA GLN A 305 13.32 -17.70 23.76
C GLN A 305 14.45 -16.96 24.43
N ASN A 306 14.64 -15.68 24.10
CA ASN A 306 15.65 -14.89 24.79
C ASN A 306 15.29 -14.67 26.26
N SER A 307 13.99 -14.67 26.57
CA SER A 307 13.55 -14.57 27.97
C SER A 307 12.23 -15.32 28.10
N MET A 308 12.32 -16.59 28.48
CA MET A 308 11.13 -17.45 28.56
C MET A 308 10.55 -17.36 29.96
N LYS A 309 9.78 -16.30 30.19
CA LYS A 309 9.12 -16.06 31.47
C LYS A 309 7.68 -15.65 31.20
N PRO A 310 6.71 -16.28 31.86
CA PRO A 310 5.30 -16.02 31.52
C PRO A 310 4.83 -14.66 31.98
N PHE A 311 3.77 -14.19 31.33
CA PHE A 311 3.16 -12.92 31.70
C PHE A 311 2.35 -13.03 32.98
N LYS A 312 1.79 -14.20 33.24
CA LYS A 312 0.97 -14.40 34.44
C LYS A 312 1.71 -14.02 35.72
N ASP A 313 3.03 -13.94 35.67
CA ASP A 313 3.82 -13.61 36.84
C ASP A 313 4.57 -12.29 36.73
N MET A 314 4.66 -11.72 35.53
CA MET A 314 5.38 -10.48 35.34
C MET A 314 4.62 -9.31 35.96
N ASP A 315 5.26 -8.15 35.93
CA ASP A 315 4.65 -6.89 36.33
C ASP A 315 4.45 -5.99 35.11
N TYR A 316 3.57 -5.00 35.27
CA TYR A 316 3.15 -4.16 34.16
C TYR A 316 4.34 -3.67 33.35
N SER A 317 5.40 -3.24 34.04
CA SER A 317 6.57 -2.70 33.36
C SER A 317 7.16 -3.72 32.39
N ARG A 318 7.50 -4.90 32.90
CA ARG A 318 8.12 -5.91 32.06
C ARG A 318 7.15 -6.40 30.98
N ILE A 319 5.86 -6.50 31.34
CA ILE A 319 4.87 -6.90 30.34
C ILE A 319 4.92 -5.97 29.14
N ILE A 320 4.74 -4.68 29.38
CA ILE A 320 4.72 -3.74 28.26
C ILE A 320 6.08 -3.68 27.58
N GLU A 321 7.17 -3.85 28.32
CA GLU A 321 8.49 -3.82 27.71
C GLU A 321 8.66 -4.97 26.74
N ARG A 322 8.05 -6.12 27.04
CA ARG A 322 8.10 -7.24 26.10
C ARG A 322 7.12 -7.06 24.95
N LEU A 323 5.95 -6.51 25.25
CA LEU A 323 4.93 -6.34 24.21
C LEU A 323 5.39 -5.37 23.14
N LEU A 324 6.11 -4.31 23.54
CA LEU A 324 6.57 -3.37 22.54
C LEU A 324 7.52 -4.03 21.55
N LYS A 325 8.27 -5.03 21.99
CA LYS A 325 9.13 -5.75 21.07
C LYS A 325 8.38 -6.82 20.30
N LEU A 326 7.29 -7.32 20.85
CA LEU A 326 6.53 -8.36 20.15
C LEU A 326 5.48 -7.82 19.19
N ALA A 327 5.13 -6.54 19.30
CA ALA A 327 3.94 -6.05 18.61
C ALA A 327 4.03 -6.21 17.10
N VAL A 328 5.00 -5.55 16.48
CA VAL A 328 5.03 -5.50 15.02
C VAL A 328 4.96 -6.88 14.36
N PRO A 329 5.75 -7.86 14.76
CA PRO A 329 5.62 -9.17 14.10
C PRO A 329 4.25 -9.77 14.33
N ASN A 330 3.70 -9.60 15.53
CA ASN A 330 2.34 -10.05 15.79
C ASN A 330 1.38 -9.44 14.79
N HIS A 331 1.50 -8.13 14.56
CA HIS A 331 0.60 -7.45 13.65
C HIS A 331 0.73 -7.99 12.24
N LEU A 332 1.96 -8.27 11.80
CA LEU A 332 2.12 -8.82 10.46
C LEU A 332 1.52 -10.21 10.36
N ILE A 333 1.71 -11.04 11.39
CA ILE A 333 1.09 -12.35 11.40
C ILE A 333 -0.42 -12.24 11.34
N TRP A 334 -0.97 -11.25 12.03
CA TRP A 334 -2.42 -11.05 12.03
C TRP A 334 -2.92 -10.66 10.64
N LEU A 335 -2.21 -9.73 9.99
CA LEU A 335 -2.59 -9.36 8.63
C LEU A 335 -2.53 -10.55 7.70
N ILE A 336 -1.56 -11.43 7.90
CA ILE A 336 -1.49 -12.57 6.99
C ILE A 336 -2.57 -13.58 7.32
N PHE A 337 -2.93 -13.76 8.59
CA PHE A 337 -4.14 -14.53 8.91
C PHE A 337 -5.32 -14.00 8.12
N PHE A 338 -5.56 -12.69 8.19
CA PHE A 338 -6.68 -12.09 7.49
C PHE A 338 -6.63 -12.45 6.02
N TYR A 339 -5.54 -12.11 5.34
CA TYR A 339 -5.54 -12.29 3.90
C TYR A 339 -5.61 -13.76 3.52
N TRP A 340 -5.05 -14.64 4.35
CA TRP A 340 -5.05 -16.05 3.99
C TRP A 340 -6.41 -16.70 4.21
N LEU A 341 -7.15 -16.22 5.19
CA LEU A 341 -8.44 -16.81 5.55
C LEU A 341 -9.62 -16.13 4.90
N PHE A 342 -9.76 -14.82 5.07
CA PHE A 342 -10.93 -14.10 4.61
C PHE A 342 -10.92 -13.82 3.12
N HIS A 343 -9.82 -14.04 2.45
CA HIS A 343 -9.88 -13.80 1.02
C HIS A 343 -9.46 -15.01 0.21
N SER A 344 -8.51 -15.79 0.69
CA SER A 344 -8.05 -16.94 -0.07
C SER A 344 -8.87 -18.18 0.25
N CYS A 345 -8.91 -18.56 1.53
CA CYS A 345 -9.62 -19.78 1.90
C CYS A 345 -11.09 -19.71 1.52
N LEU A 346 -11.77 -18.64 1.95
CA LEU A 346 -13.20 -18.56 1.69
C LEU A 346 -13.48 -18.48 0.19
N ASN A 347 -12.63 -17.81 -0.57
CA ASN A 347 -12.86 -17.75 -2.00
C ASN A 347 -12.67 -19.11 -2.64
N ALA A 348 -11.62 -19.83 -2.24
CA ALA A 348 -11.42 -21.17 -2.79
C ALA A 348 -12.61 -22.05 -2.47
N VAL A 349 -13.09 -21.99 -1.23
CA VAL A 349 -14.27 -22.78 -0.88
C VAL A 349 -15.45 -22.39 -1.76
N ALA A 350 -15.84 -21.12 -1.72
CA ALA A 350 -16.97 -20.67 -2.51
C ALA A 350 -16.77 -20.89 -4.00
N GLU A 351 -15.56 -21.20 -4.44
CA GLU A 351 -15.37 -21.56 -5.83
C GLU A 351 -15.60 -23.05 -6.06
N LEU A 352 -15.07 -23.89 -5.17
CA LEU A 352 -15.35 -25.32 -5.24
C LEU A 352 -16.84 -25.59 -5.29
N MET A 353 -17.63 -24.70 -4.71
CA MET A 353 -19.07 -24.85 -4.63
C MET A 353 -19.67 -23.49 -4.95
N GLN A 354 -20.04 -23.28 -6.21
CA GLN A 354 -20.36 -21.94 -6.69
C GLN A 354 -21.28 -21.22 -5.72
N PHE A 355 -20.78 -20.16 -5.09
CA PHE A 355 -21.55 -19.42 -4.12
C PHE A 355 -21.76 -17.97 -4.48
N GLY A 356 -20.98 -17.42 -5.39
CA GLY A 356 -21.33 -16.11 -5.92
C GLY A 356 -21.12 -14.89 -5.08
N ASP A 357 -21.61 -14.89 -3.84
CA ASP A 357 -21.65 -13.65 -3.07
C ASP A 357 -20.28 -13.05 -2.82
N ARG A 358 -19.44 -13.73 -2.06
CA ARG A 358 -18.02 -13.39 -1.94
C ARG A 358 -17.78 -11.97 -1.43
N GLU A 359 -18.69 -11.40 -0.65
CA GLU A 359 -18.39 -10.16 0.05
C GLU A 359 -18.04 -10.53 1.48
N PHE A 360 -16.81 -10.93 1.69
CA PHE A 360 -16.39 -11.32 3.02
C PHE A 360 -15.85 -10.16 3.85
N TYR A 361 -15.50 -9.05 3.21
CA TYR A 361 -14.92 -7.93 3.93
C TYR A 361 -15.10 -6.67 3.10
N ARG A 362 -15.38 -5.57 3.77
CA ARG A 362 -15.36 -4.28 3.10
C ARG A 362 -14.03 -3.62 3.41
N ASP A 363 -13.86 -2.36 3.01
CA ASP A 363 -12.57 -1.69 3.13
C ASP A 363 -12.31 -1.36 4.60
N TRP A 364 -11.95 -2.38 5.36
CA TRP A 364 -11.72 -2.15 6.78
C TRP A 364 -10.47 -1.35 7.04
N TRP A 365 -9.55 -1.27 6.08
CA TRP A 365 -8.29 -0.59 6.34
C TRP A 365 -8.50 0.91 6.43
N ASN A 366 -8.95 1.53 5.35
CA ASN A 366 -9.15 2.96 5.37
C ASN A 366 -10.40 3.30 6.15
N SER A 367 -10.37 3.04 7.45
CA SER A 367 -11.53 3.12 8.32
C SER A 367 -11.29 4.21 9.35
N GLU A 368 -11.87 5.38 9.13
CA GLU A 368 -11.55 6.51 9.98
C GLU A 368 -12.35 6.47 11.26
N SER A 369 -12.41 5.30 11.89
CA SER A 369 -13.15 5.08 13.13
C SER A 369 -12.97 3.62 13.51
N VAL A 370 -13.46 3.27 14.69
CA VAL A 370 -13.48 1.87 15.09
C VAL A 370 -14.79 1.21 14.74
N THR A 371 -15.90 1.88 15.03
CA THR A 371 -17.19 1.33 14.67
C THR A 371 -17.32 1.12 13.17
N TYR A 372 -16.50 1.81 12.38
CA TYR A 372 -16.44 1.51 10.96
C TYR A 372 -15.47 0.37 10.67
N PHE A 373 -14.51 0.12 11.55
CA PHE A 373 -13.64 -1.03 11.34
C PHE A 373 -14.39 -2.32 11.59
N TRP A 374 -15.19 -2.37 12.65
CA TRP A 374 -15.88 -3.61 12.98
C TRP A 374 -16.98 -3.90 11.98
N GLN A 375 -17.60 -2.87 11.42
CA GLN A 375 -18.65 -3.07 10.43
C GLN A 375 -18.12 -3.47 9.08
N ASN A 376 -16.81 -3.62 8.91
CA ASN A 376 -16.27 -3.99 7.62
C ASN A 376 -15.21 -5.08 7.70
N TRP A 377 -14.66 -5.37 8.86
CA TRP A 377 -13.87 -6.56 9.06
C TRP A 377 -14.80 -7.73 9.30
N ASN A 378 -14.64 -8.81 8.53
CA ASN A 378 -15.45 -10.00 8.72
C ASN A 378 -16.93 -9.70 8.55
N ILE A 379 -17.29 -9.38 7.31
CA ILE A 379 -18.67 -9.08 6.96
C ILE A 379 -19.65 -10.13 7.47
N PRO A 380 -19.47 -11.43 7.18
CA PRO A 380 -20.48 -12.41 7.63
C PRO A 380 -20.88 -12.25 9.08
N VAL A 381 -19.92 -12.14 9.98
CA VAL A 381 -20.25 -11.97 11.39
C VAL A 381 -20.98 -10.66 11.61
N HIS A 382 -20.68 -9.63 10.81
CA HIS A 382 -21.37 -8.37 11.02
C HIS A 382 -22.82 -8.47 10.63
N LYS A 383 -23.10 -8.96 9.43
CA LYS A 383 -24.50 -9.06 9.02
C LYS A 383 -25.25 -10.04 9.90
N TRP A 384 -24.57 -11.04 10.44
CA TRP A 384 -25.21 -11.91 11.42
C TRP A 384 -25.59 -11.12 12.66
N CYS A 385 -24.62 -10.50 13.32
CA CYS A 385 -24.93 -9.75 14.52
C CYS A 385 -26.00 -8.70 14.27
N ILE A 386 -26.10 -8.20 13.05
CA ILE A 386 -27.11 -7.19 12.74
C ILE A 386 -28.49 -7.83 12.62
N ARG A 387 -28.66 -8.74 11.68
CA ARG A 387 -30.01 -9.20 11.37
C ARG A 387 -30.41 -10.45 12.14
N HIS A 388 -29.67 -10.83 13.18
CA HIS A 388 -30.16 -11.83 14.12
C HIS A 388 -29.93 -11.45 15.57
N PHE A 389 -29.18 -10.39 15.85
CA PHE A 389 -28.88 -10.02 17.23
C PHE A 389 -29.01 -8.54 17.53
N TYR A 390 -28.92 -7.65 16.55
CA TYR A 390 -29.05 -6.23 16.79
C TYR A 390 -30.44 -5.73 16.45
N LYS A 391 -30.86 -5.90 15.19
CA LYS A 391 -32.22 -5.55 14.81
C LYS A 391 -33.27 -6.20 15.69
N PRO A 392 -33.19 -7.48 16.06
CA PRO A 392 -34.21 -8.02 16.97
C PRO A 392 -34.24 -7.30 18.29
N MET A 393 -33.08 -7.18 18.95
CA MET A 393 -33.08 -6.52 20.25
C MET A 393 -33.45 -5.05 20.15
N LEU A 394 -33.62 -4.53 18.94
CA LEU A 394 -34.18 -3.19 18.78
C LEU A 394 -35.69 -3.25 18.61
N ARG A 395 -36.18 -4.16 17.78
CA ARG A 395 -37.63 -4.32 17.67
C ARG A 395 -38.19 -4.97 18.92
N ARG A 396 -37.47 -5.92 19.50
CA ARG A 396 -37.84 -6.53 20.77
C ARG A 396 -37.17 -5.82 21.93
N GLY A 397 -37.31 -4.51 21.98
CA GLY A 397 -36.66 -3.72 23.01
C GLY A 397 -36.40 -2.32 22.51
N SER A 398 -35.29 -1.75 22.99
CA SER A 398 -34.93 -0.36 22.72
C SER A 398 -33.48 -0.16 23.15
N SER A 399 -33.06 1.11 23.19
CA SER A 399 -31.76 1.52 23.71
C SER A 399 -30.62 0.89 22.89
N LYS A 400 -30.51 1.37 21.65
CA LYS A 400 -29.45 0.95 20.73
C LYS A 400 -28.09 0.91 21.42
N TRP A 401 -27.86 1.78 22.40
CA TRP A 401 -26.67 1.68 23.22
C TRP A 401 -26.60 0.33 23.91
N MET A 402 -27.68 -0.05 24.61
CA MET A 402 -27.72 -1.35 25.27
C MET A 402 -27.54 -2.47 24.27
N ALA A 403 -28.16 -2.35 23.10
CA ALA A 403 -28.07 -3.41 22.10
C ALA A 403 -26.63 -3.60 21.63
N ARG A 404 -25.97 -2.51 21.25
CA ARG A 404 -24.61 -2.64 20.74
C ARG A 404 -23.66 -3.11 21.85
N THR A 405 -23.90 -2.68 23.09
CA THR A 405 -23.08 -3.21 24.17
C THR A 405 -23.31 -4.69 24.34
N GLY A 406 -24.55 -5.15 24.15
CA GLY A 406 -24.80 -6.57 24.18
C GLY A 406 -24.07 -7.31 23.07
N VAL A 407 -24.02 -6.71 21.89
CA VAL A 407 -23.28 -7.31 20.78
C VAL A 407 -21.82 -7.49 21.16
N PHE A 408 -21.21 -6.43 21.69
CA PHE A 408 -19.81 -6.52 22.05
C PHE A 408 -19.60 -7.50 23.21
N LEU A 409 -20.55 -7.57 24.12
CA LEU A 409 -20.44 -8.51 25.24
C LEU A 409 -20.45 -9.94 24.75
N ALA A 410 -21.41 -10.27 23.89
CA ALA A 410 -21.49 -11.62 23.34
C ALA A 410 -20.25 -11.95 22.54
N SER A 411 -19.77 -11.02 21.74
CA SER A 411 -18.58 -11.30 20.95
C SER A 411 -17.37 -11.51 21.85
N ALA A 412 -17.29 -10.77 22.95
CA ALA A 412 -16.18 -10.97 23.88
C ALA A 412 -16.25 -12.34 24.51
N PHE A 413 -17.44 -12.75 24.93
CA PHE A 413 -17.60 -14.10 25.46
C PHE A 413 -17.16 -15.13 24.44
N PHE A 414 -17.51 -14.92 23.18
CA PHE A 414 -17.14 -15.87 22.14
C PHE A 414 -15.65 -15.91 21.94
N HIS A 415 -14.99 -14.75 21.95
CA HIS A 415 -13.53 -14.72 21.84
C HIS A 415 -12.90 -15.52 22.97
N GLU A 416 -13.37 -15.29 24.20
CA GLU A 416 -12.81 -16.00 25.34
C GLU A 416 -13.02 -17.49 25.20
N TYR A 417 -14.26 -17.91 24.94
CA TYR A 417 -14.54 -19.31 24.68
C TYR A 417 -13.67 -19.87 23.57
N LEU A 418 -13.23 -19.02 22.66
CA LEU A 418 -12.49 -19.51 21.50
C LEU A 418 -11.01 -19.68 21.79
N VAL A 419 -10.42 -18.82 22.61
CA VAL A 419 -8.98 -18.84 22.80
C VAL A 419 -8.60 -19.50 24.12
N SER A 420 -9.38 -19.28 25.18
CA SER A 420 -8.99 -19.80 26.49
C SER A 420 -9.14 -21.30 26.55
N VAL A 421 -10.35 -21.79 26.31
CA VAL A 421 -10.71 -23.19 26.45
C VAL A 421 -9.74 -24.12 25.72
N PRO A 422 -9.27 -23.80 24.52
CA PRO A 422 -8.28 -24.70 23.90
C PRO A 422 -6.94 -24.71 24.61
N LEU A 423 -6.68 -23.74 25.49
CA LEU A 423 -5.42 -23.68 26.22
C LEU A 423 -5.63 -23.83 27.72
N ARG A 424 -6.85 -24.09 28.17
CA ARG A 424 -7.17 -24.30 29.58
C ARG A 424 -6.71 -23.13 30.44
N MET A 425 -6.64 -21.95 29.86
CA MET A 425 -6.38 -20.73 30.61
C MET A 425 -7.69 -20.01 30.85
N PHE A 426 -7.68 -19.11 31.83
CA PHE A 426 -8.85 -18.29 32.06
C PHE A 426 -8.47 -16.87 32.47
N ARG A 427 -7.35 -16.37 31.96
CA ARG A 427 -6.84 -15.06 32.36
C ARG A 427 -7.80 -13.93 32.04
N LEU A 428 -8.86 -14.19 31.27
CA LEU A 428 -9.90 -13.20 31.00
C LEU A 428 -9.37 -11.98 30.25
N TRP A 429 -8.34 -12.18 29.44
CA TRP A 429 -7.69 -11.05 28.78
C TRP A 429 -8.44 -10.63 27.52
N ALA A 430 -8.74 -11.59 26.65
CA ALA A 430 -9.41 -11.27 25.38
C ALA A 430 -10.74 -10.58 25.63
N PHE A 431 -11.47 -11.03 26.64
CA PHE A 431 -12.68 -10.35 27.07
C PHE A 431 -12.38 -8.89 27.39
N THR A 432 -11.29 -8.67 28.13
CA THR A 432 -10.95 -7.31 28.52
C THR A 432 -10.65 -6.46 27.30
N GLY A 433 -9.96 -7.03 26.31
CA GLY A 433 -9.64 -6.25 25.13
C GLY A 433 -10.88 -5.89 24.33
N MET A 434 -11.71 -6.89 24.03
CA MET A 434 -12.94 -6.63 23.30
C MET A 434 -13.80 -5.61 24.02
N MET A 435 -13.80 -5.64 25.35
CA MET A 435 -14.61 -4.68 26.08
C MET A 435 -13.99 -3.28 26.05
N ALA A 436 -12.67 -3.19 26.24
CA ALA A 436 -12.01 -1.90 26.20
C ALA A 436 -12.06 -1.26 24.83
N GLN A 437 -12.42 -2.02 23.80
CA GLN A 437 -12.67 -1.42 22.50
C GLN A 437 -13.64 -0.25 22.59
N ILE A 438 -14.65 -0.35 23.45
CA ILE A 438 -15.71 0.66 23.54
C ILE A 438 -15.12 2.00 23.98
N PRO A 439 -14.46 2.10 25.13
CA PRO A 439 -13.82 3.38 25.46
C PRO A 439 -12.81 3.79 24.41
N LEU A 440 -12.12 2.82 23.83
CA LEU A 440 -11.18 3.12 22.76
C LEU A 440 -11.90 3.73 21.56
N ALA A 441 -13.07 3.19 21.22
CA ALA A 441 -13.84 3.75 20.12
C ALA A 441 -14.23 5.18 20.40
N TRP A 442 -14.74 5.45 21.61
CA TRP A 442 -15.12 6.82 21.92
C TRP A 442 -13.91 7.75 21.90
N PHE A 443 -12.77 7.25 22.36
CA PHE A 443 -11.54 8.03 22.34
C PHE A 443 -11.19 8.46 20.92
N VAL A 444 -11.03 7.48 20.03
CA VAL A 444 -10.63 7.80 18.67
C VAL A 444 -11.69 8.64 17.97
N GLY A 445 -12.96 8.47 18.35
CA GLY A 445 -13.99 9.28 17.75
C GLY A 445 -13.94 10.73 18.19
N ARG A 446 -13.64 10.97 19.46
CA ARG A 446 -13.62 12.34 19.96
C ARG A 446 -12.37 13.07 19.52
N PHE A 447 -11.23 12.40 19.45
CA PHE A 447 -9.99 13.15 19.26
C PHE A 447 -9.60 13.31 17.81
N PHE A 448 -9.39 12.20 17.11
CA PHE A 448 -8.80 12.27 15.78
C PHE A 448 -9.86 12.30 14.70
N GLN A 449 -9.45 12.73 13.51
CA GLN A 449 -10.31 12.76 12.33
C GLN A 449 -9.48 12.37 11.13
N GLY A 450 -10.16 12.16 10.01
CA GLY A 450 -9.54 11.95 8.72
C GLY A 450 -8.43 10.93 8.76
N ASN A 451 -7.44 11.12 7.89
CA ASN A 451 -6.30 10.22 7.85
C ASN A 451 -5.62 10.11 9.20
N TYR A 452 -5.69 11.16 10.01
CA TYR A 452 -5.19 11.06 11.38
C TYR A 452 -5.99 10.03 12.16
N GLY A 453 -7.30 10.03 12.00
CA GLY A 453 -8.11 9.01 12.64
C GLY A 453 -7.78 7.62 12.13
N ASN A 454 -7.51 7.51 10.83
CA ASN A 454 -7.15 6.21 10.29
C ASN A 454 -5.85 5.70 10.89
N ALA A 455 -4.88 6.59 11.06
CA ALA A 455 -3.65 6.19 11.73
C ALA A 455 -3.93 5.79 13.17
N ALA A 456 -4.82 6.52 13.84
CA ALA A 456 -5.18 6.14 15.20
C ALA A 456 -5.76 4.74 15.26
N VAL A 457 -6.60 4.40 14.28
CA VAL A 457 -7.17 3.06 14.24
C VAL A 457 -6.09 2.03 13.99
N TRP A 458 -5.16 2.33 13.09
CA TRP A 458 -4.08 1.40 12.85
C TRP A 458 -3.30 1.13 14.13
N LEU A 459 -3.05 2.18 14.91
CA LEU A 459 -2.42 1.98 16.21
C LEU A 459 -3.28 1.08 17.08
N SER A 460 -4.58 1.37 17.14
CA SER A 460 -5.50 0.54 17.89
C SER A 460 -5.52 -0.90 17.41
N LEU A 461 -4.98 -1.17 16.23
CA LEU A 461 -4.86 -2.55 15.78
C LEU A 461 -3.51 -3.15 16.09
N ILE A 462 -2.46 -2.34 16.10
CA ILE A 462 -1.13 -2.89 16.29
C ILE A 462 -0.93 -3.33 17.73
N ILE A 463 -1.26 -2.47 18.69
CA ILE A 463 -1.18 -2.92 20.08
C ILE A 463 -2.51 -3.54 20.47
N GLY A 464 -3.54 -2.72 20.58
CA GLY A 464 -4.93 -3.13 20.47
C GLY A 464 -5.39 -4.49 20.94
N GLN A 465 -6.22 -5.11 20.12
CA GLN A 465 -6.85 -6.39 20.39
C GLN A 465 -5.96 -7.59 20.05
N PRO A 466 -5.33 -7.66 18.87
CA PRO A 466 -4.59 -8.88 18.54
C PRO A 466 -3.38 -9.14 19.42
N ILE A 467 -3.18 -8.30 20.43
CA ILE A 467 -2.14 -8.59 21.41
C ILE A 467 -2.65 -9.54 22.48
N ALA A 468 -3.97 -9.67 22.63
CA ALA A 468 -4.51 -10.56 23.66
C ALA A 468 -4.23 -12.02 23.31
N VAL A 469 -4.57 -12.41 22.10
CA VAL A 469 -4.24 -13.75 21.65
C VAL A 469 -2.74 -13.99 21.77
N LEU A 470 -1.94 -12.96 21.54
CA LEU A 470 -0.50 -13.14 21.66
C LEU A 470 -0.07 -13.38 23.09
N MET A 471 -0.67 -12.64 24.03
CA MET A 471 -0.36 -12.89 25.44
C MET A 471 -0.73 -14.32 25.83
N TYR A 472 -1.89 -14.80 25.38
CA TYR A 472 -2.28 -16.15 25.70
C TYR A 472 -1.29 -17.16 25.13
N VAL A 473 -0.96 -17.03 23.85
CA VAL A 473 -0.05 -18.00 23.24
C VAL A 473 1.34 -17.90 23.87
N HIS A 474 1.75 -16.69 24.28
CA HIS A 474 3.03 -16.53 24.95
C HIS A 474 3.05 -17.32 26.25
N ASP A 475 2.09 -17.05 27.14
CA ASP A 475 2.07 -17.74 28.42
C ASP A 475 1.80 -19.22 28.29
N TYR A 476 1.31 -19.67 27.13
CA TYR A 476 1.22 -21.11 26.94
C TYR A 476 2.52 -21.70 26.42
N TYR A 477 3.23 -20.98 25.57
CA TYR A 477 4.44 -21.52 24.95
C TYR A 477 5.59 -21.55 25.93
N VAL A 478 5.73 -20.50 26.74
CA VAL A 478 6.83 -20.50 27.70
C VAL A 478 6.63 -21.58 28.74
N LEU A 479 5.39 -21.94 29.02
CA LEU A 479 5.10 -22.94 30.05
C LEU A 479 5.30 -24.37 29.56
N ASN A 480 5.58 -24.58 28.28
CA ASN A 480 5.61 -25.94 27.76
C ASN A 480 6.88 -26.26 26.99
N TYR A 481 7.50 -25.28 26.37
CA TYR A 481 8.68 -25.53 25.56
C TYR A 481 9.91 -24.78 26.07
N LEU B 66 -35.58 -10.44 3.55
CA LEU B 66 -35.42 -10.29 2.10
C LEU B 66 -34.06 -10.77 1.65
N ARG B 67 -33.73 -10.49 0.39
CA ARG B 67 -32.45 -10.91 -0.19
C ARG B 67 -31.34 -10.11 0.46
N CYS B 68 -30.60 -10.75 1.36
CA CYS B 68 -29.45 -10.14 2.00
C CYS B 68 -28.14 -10.68 1.46
N HIS B 69 -28.16 -11.29 0.27
CA HIS B 69 -26.97 -11.86 -0.36
C HIS B 69 -26.99 -11.45 -1.82
N ARG B 70 -26.35 -10.33 -2.13
CA ARG B 70 -26.19 -9.95 -3.53
C ARG B 70 -25.09 -10.76 -4.17
N LEU B 71 -25.10 -10.80 -5.49
CA LEU B 71 -24.06 -11.48 -6.25
C LEU B 71 -23.01 -10.44 -6.60
N GLN B 72 -21.88 -10.47 -5.91
CA GLN B 72 -20.82 -9.50 -6.13
C GLN B 72 -19.48 -10.23 -6.06
N ASP B 73 -18.40 -9.48 -5.93
CA ASP B 73 -17.08 -10.07 -5.86
C ASP B 73 -16.25 -9.35 -4.82
N SER B 74 -15.23 -10.04 -4.33
CA SER B 74 -14.46 -9.57 -3.19
C SER B 74 -13.62 -8.37 -3.56
N LEU B 75 -13.31 -7.55 -2.57
CA LEU B 75 -12.59 -6.31 -2.84
C LEU B 75 -11.23 -6.58 -3.44
N PHE B 76 -10.34 -7.22 -2.70
CA PHE B 76 -8.99 -7.48 -3.19
C PHE B 76 -9.00 -8.25 -4.50
N SER B 77 -10.14 -8.83 -4.86
CA SER B 77 -10.17 -9.75 -5.97
C SER B 77 -9.76 -9.05 -7.25
N SER B 78 -9.23 -9.85 -8.18
CA SER B 78 -8.51 -9.31 -9.31
C SER B 78 -9.35 -8.41 -10.18
N ASP B 79 -10.68 -8.50 -10.10
CA ASP B 79 -11.52 -7.80 -11.06
C ASP B 79 -12.72 -7.10 -10.43
N SER B 80 -12.67 -6.77 -9.15
CA SER B 80 -13.77 -6.01 -8.58
C SER B 80 -13.71 -4.55 -9.01
N GLY B 81 -12.51 -4.01 -9.15
CA GLY B 81 -12.37 -2.59 -9.44
C GLY B 81 -12.78 -1.75 -8.26
N PHE B 82 -12.20 -2.03 -7.08
CA PHE B 82 -12.51 -1.21 -5.91
C PHE B 82 -11.66 0.06 -5.87
N SER B 83 -10.35 -0.10 -5.69
CA SER B 83 -9.38 0.98 -5.81
C SER B 83 -9.73 2.15 -4.89
N ASN B 84 -9.65 1.92 -3.59
CA ASN B 84 -9.79 2.98 -2.59
C ASN B 84 -8.82 2.74 -1.44
N TYR B 85 -7.59 2.41 -1.75
CA TYR B 85 -6.66 1.93 -0.74
C TYR B 85 -5.90 3.02 -0.03
N ARG B 86 -6.39 4.25 0.00
CA ARG B 86 -5.74 5.28 0.77
C ARG B 86 -5.96 4.99 2.23
N GLY B 87 -4.98 4.38 2.87
CA GLY B 87 -5.15 3.80 4.17
C GLY B 87 -4.26 2.59 4.25
N ILE B 88 -3.87 2.08 3.08
CA ILE B 88 -2.66 1.28 3.02
C ILE B 88 -1.45 2.19 3.22
N LEU B 89 -1.46 3.35 2.58
CA LEU B 89 -0.35 4.27 2.74
C LEU B 89 -0.28 4.82 4.15
N ASN B 90 -1.42 5.04 4.79
CA ASN B 90 -1.35 5.41 6.20
C ASN B 90 -0.72 4.31 7.02
N TRP B 91 -0.93 3.05 6.64
CA TRP B 91 -0.23 1.98 7.32
C TRP B 91 1.26 2.07 7.11
N CYS B 92 1.69 2.32 5.88
CA CYS B 92 3.12 2.47 5.64
C CYS B 92 3.69 3.60 6.48
N VAL B 93 2.98 4.72 6.55
CA VAL B 93 3.44 5.86 7.34
C VAL B 93 3.57 5.46 8.81
N VAL B 94 2.55 4.82 9.37
CA VAL B 94 2.58 4.52 10.79
C VAL B 94 3.65 3.49 11.09
N MET B 95 3.85 2.53 10.21
CA MET B 95 4.90 1.55 10.46
C MET B 95 6.28 2.20 10.38
N LEU B 96 6.49 3.10 9.41
CA LEU B 96 7.78 3.77 9.34
C LEU B 96 8.03 4.61 10.57
N ILE B 97 7.01 5.32 11.04
CA ILE B 97 7.18 6.10 12.28
C ILE B 97 7.51 5.17 13.43
N LEU B 98 6.72 4.12 13.62
CA LEU B 98 6.98 3.22 14.73
C LEU B 98 8.39 2.65 14.68
N SER B 99 8.88 2.37 13.48
CA SER B 99 10.15 1.66 13.36
C SER B 99 11.35 2.57 13.27
N ASN B 100 11.18 3.88 13.13
CA ASN B 100 12.33 4.76 13.08
C ASN B 100 12.19 6.01 13.94
N ALA B 101 11.17 6.10 14.78
CA ALA B 101 10.91 7.36 15.47
C ALA B 101 11.99 7.66 16.51
N ARG B 102 12.35 6.67 17.33
CA ARG B 102 13.37 6.90 18.34
C ARG B 102 14.67 7.33 17.68
N LEU B 103 15.11 6.56 16.68
CA LEU B 103 16.36 6.89 15.99
C LEU B 103 16.31 8.28 15.40
N PHE B 104 15.18 8.65 14.80
CA PHE B 104 15.08 9.97 14.19
C PHE B 104 15.11 11.06 15.23
N LEU B 105 14.50 10.84 16.39
CA LEU B 105 14.55 11.84 17.44
C LEU B 105 15.97 12.00 17.98
N GLU B 106 16.70 10.90 18.13
CA GLU B 106 18.09 11.02 18.54
C GLU B 106 18.88 11.84 17.52
N ASN B 107 18.76 11.49 16.24
CA ASN B 107 19.53 12.20 15.22
C ASN B 107 19.12 13.66 15.11
N LEU B 108 17.85 13.97 15.37
CA LEU B 108 17.42 15.37 15.34
C LEU B 108 17.98 16.13 16.53
N ILE B 109 17.79 15.59 17.74
CA ILE B 109 18.31 16.27 18.92
C ILE B 109 19.83 16.38 18.88
N LYS B 110 20.48 15.58 18.04
CA LYS B 110 21.91 15.75 17.85
C LYS B 110 22.21 16.85 16.82
N TYR B 111 21.76 16.68 15.58
CA TYR B 111 22.21 17.55 14.51
C TYR B 111 21.49 18.90 14.50
N GLY B 112 20.16 18.89 14.67
CA GLY B 112 19.37 20.08 14.46
C GLY B 112 19.65 21.22 15.41
N ILE B 113 20.35 20.95 16.51
CA ILE B 113 20.67 22.01 17.45
C ILE B 113 21.76 22.94 16.93
N LEU B 114 22.38 22.58 15.80
CA LEU B 114 23.47 23.38 15.24
C LEU B 114 22.94 24.66 14.60
N VAL B 115 23.86 25.42 14.00
CA VAL B 115 23.58 26.75 13.47
C VAL B 115 23.77 26.76 11.96
N ASP B 116 23.40 25.64 11.32
CA ASP B 116 23.68 25.30 9.93
C ASP B 116 23.64 26.49 8.96
N PRO B 117 22.54 27.27 8.88
CA PRO B 117 22.49 28.32 7.85
C PRO B 117 23.52 29.42 8.07
N ILE B 118 23.57 29.95 9.28
CA ILE B 118 24.51 31.04 9.59
C ILE B 118 25.94 30.59 9.39
N GLN B 119 26.28 29.42 9.93
CA GLN B 119 27.67 28.95 9.83
C GLN B 119 28.03 28.67 8.38
N VAL B 120 27.11 28.12 7.60
CA VAL B 120 27.45 27.79 6.22
C VAL B 120 27.60 29.06 5.39
N VAL B 121 26.71 30.03 5.58
CA VAL B 121 26.82 31.25 4.79
C VAL B 121 28.09 32.02 5.18
N SER B 122 28.44 32.00 6.46
CA SER B 122 29.67 32.66 6.88
C SER B 122 30.89 31.97 6.30
N LEU B 123 30.96 30.65 6.44
CA LEU B 123 32.14 29.93 5.95
C LEU B 123 32.26 30.02 4.43
N PHE B 124 31.15 30.21 3.73
CA PHE B 124 31.26 30.41 2.29
C PHE B 124 31.71 31.83 1.96
N LEU B 125 31.03 32.83 2.52
CA LEU B 125 31.30 34.21 2.15
C LEU B 125 32.69 34.65 2.57
N LYS B 126 33.25 34.05 3.63
CA LYS B 126 34.57 34.47 4.08
C LYS B 126 35.67 34.04 3.12
N ASP B 127 35.43 33.04 2.29
CA ASP B 127 36.40 32.61 1.30
C ASP B 127 35.74 31.86 0.15
N PRO B 128 35.27 32.57 -0.87
CA PRO B 128 34.72 31.89 -2.05
C PRO B 128 35.81 31.20 -2.85
N TYR B 129 35.42 30.62 -3.99
CA TYR B 129 36.29 29.87 -4.89
C TYR B 129 36.82 28.60 -4.27
N SER B 130 36.51 28.33 -3.00
CA SER B 130 36.90 27.09 -2.34
C SER B 130 35.86 26.00 -2.51
N TRP B 131 34.65 26.37 -2.93
CA TRP B 131 33.63 25.41 -3.35
C TRP B 131 33.13 25.91 -4.70
N PRO B 132 33.70 25.42 -5.81
CA PRO B 132 33.30 25.90 -7.12
C PRO B 132 31.88 25.52 -7.50
N ALA B 133 31.23 24.62 -6.76
CA ALA B 133 29.86 24.25 -7.13
C ALA B 133 28.86 25.36 -6.81
N PRO B 134 28.83 25.92 -5.59
CA PRO B 134 27.99 27.11 -5.40
C PRO B 134 28.44 28.29 -6.23
N CYS B 135 29.75 28.42 -6.47
CA CYS B 135 30.23 29.42 -7.43
C CYS B 135 29.51 29.28 -8.76
N LEU B 136 29.40 28.05 -9.26
CA LEU B 136 28.79 27.82 -10.55
C LEU B 136 27.28 28.04 -10.50
N VAL B 137 26.64 27.59 -9.41
CA VAL B 137 25.21 27.81 -9.25
C VAL B 137 24.90 29.31 -9.26
N ILE B 138 25.77 30.11 -8.67
CA ILE B 138 25.58 31.56 -8.70
C ILE B 138 25.88 32.09 -10.09
N ALA B 139 26.89 31.54 -10.76
CA ALA B 139 27.23 31.98 -12.10
C ALA B 139 26.10 31.75 -13.10
N ALA B 140 25.20 30.81 -12.81
CA ALA B 140 24.05 30.62 -13.71
C ALA B 140 23.22 31.90 -13.84
N ASN B 141 23.28 32.77 -12.85
CA ASN B 141 22.50 34.00 -12.89
C ASN B 141 22.87 34.85 -14.11
N VAL B 142 24.09 34.74 -14.61
CA VAL B 142 24.46 35.59 -15.74
C VAL B 142 23.73 35.13 -17.00
N PHE B 143 23.54 33.82 -17.16
CA PHE B 143 22.74 33.35 -18.29
C PHE B 143 21.29 33.74 -18.11
N ALA B 144 20.78 33.63 -16.88
CA ALA B 144 19.42 34.07 -16.63
C ALA B 144 19.23 35.52 -17.03
N VAL B 145 20.12 36.39 -16.57
CA VAL B 145 20.03 37.80 -16.87
C VAL B 145 20.23 38.07 -18.35
N ALA B 146 21.09 37.30 -19.01
CA ALA B 146 21.30 37.49 -20.44
C ALA B 146 20.02 37.22 -21.21
N ALA B 147 19.33 36.13 -20.86
CA ALA B 147 18.07 35.85 -21.54
C ALA B 147 17.03 36.92 -21.25
N PHE B 148 16.97 37.37 -19.99
CA PHE B 148 16.06 38.46 -19.64
C PHE B 148 16.34 39.69 -20.48
N GLN B 149 17.62 40.05 -20.60
CA GLN B 149 17.99 41.26 -21.33
C GLN B 149 17.66 41.12 -22.80
N VAL B 150 17.96 39.97 -23.40
CA VAL B 150 17.63 39.79 -24.80
C VAL B 150 16.14 39.92 -25.03
N GLU B 151 15.35 39.34 -24.12
CA GLU B 151 13.90 39.46 -24.27
C GLU B 151 13.45 40.91 -24.16
N LYS B 152 14.00 41.64 -23.19
CA LYS B 152 13.56 43.01 -23.00
C LYS B 152 13.99 43.90 -24.17
N ARG B 153 15.17 43.64 -24.73
CA ARG B 153 15.60 44.41 -25.90
C ARG B 153 14.71 44.12 -27.09
N LEU B 154 14.55 42.85 -27.44
CA LEU B 154 13.69 42.58 -28.59
C LEU B 154 12.22 42.79 -28.28
N ALA B 155 11.88 43.17 -27.05
CA ALA B 155 10.50 43.50 -26.75
C ALA B 155 10.10 44.83 -27.39
N VAL B 156 11.01 45.80 -27.40
CA VAL B 156 10.68 47.11 -27.95
C VAL B 156 10.74 47.10 -29.47
N GLY B 157 11.54 46.20 -30.06
CA GLY B 157 11.62 46.13 -31.50
C GLY B 157 13.01 45.82 -32.00
N ALA B 158 14.03 46.08 -31.20
CA ALA B 158 15.39 45.76 -31.60
C ALA B 158 15.54 44.27 -31.79
N LEU B 159 16.67 43.86 -32.38
CA LEU B 159 17.02 42.45 -32.55
C LEU B 159 15.93 41.71 -33.33
N THR B 160 15.82 42.07 -34.62
CA THR B 160 14.91 41.39 -35.52
C THR B 160 14.90 39.88 -35.27
N GLU B 161 13.71 39.30 -35.28
CA GLU B 161 13.42 38.02 -34.65
C GLU B 161 14.51 36.97 -34.80
N GLN B 162 15.14 36.88 -35.97
CA GLN B 162 16.22 35.91 -36.11
C GLN B 162 17.41 36.24 -35.22
N ALA B 163 17.68 37.53 -35.01
CA ALA B 163 18.77 37.92 -34.12
C ALA B 163 18.51 37.44 -32.70
N GLY B 164 17.31 37.74 -32.19
CA GLY B 164 16.97 37.26 -30.86
C GLY B 164 16.97 35.74 -30.77
N LEU B 165 16.53 35.08 -31.84
CA LEU B 165 16.51 33.61 -31.82
C LEU B 165 17.92 33.06 -31.68
N LEU B 166 18.85 33.54 -32.49
CA LEU B 166 20.21 33.01 -32.39
C LEU B 166 20.90 33.44 -31.11
N LEU B 167 20.54 34.60 -30.56
CA LEU B 167 21.08 34.96 -29.26
C LEU B 167 20.60 34.00 -28.19
N HIS B 168 19.32 33.63 -28.23
CA HIS B 168 18.81 32.64 -27.28
C HIS B 168 19.49 31.30 -27.47
N VAL B 169 19.67 30.87 -28.72
CA VAL B 169 20.31 29.59 -28.96
C VAL B 169 21.73 29.58 -28.41
N ALA B 170 22.46 30.67 -28.66
CA ALA B 170 23.80 30.78 -28.10
C ALA B 170 23.77 30.71 -26.58
N ASN B 171 22.81 31.42 -25.97
CA ASN B 171 22.74 31.40 -24.52
C ASN B 171 22.46 30.00 -23.99
N LEU B 172 21.56 29.27 -24.64
CA LEU B 172 21.20 27.95 -24.15
C LEU B 172 22.35 26.96 -24.32
N ALA B 173 22.99 26.98 -25.50
CA ALA B 173 24.16 26.14 -25.69
C ALA B 173 25.24 26.47 -24.68
N THR B 174 25.34 27.74 -24.29
CA THR B 174 26.29 28.10 -23.26
C THR B 174 25.90 27.49 -21.91
N ILE B 175 24.62 27.62 -21.55
CA ILE B 175 24.13 27.06 -20.30
C ILE B 175 24.43 25.57 -20.22
N LEU B 176 24.39 24.89 -21.35
CA LEU B 176 24.72 23.47 -21.32
C LEU B 176 26.22 23.25 -21.23
N CYS B 177 26.98 23.78 -22.20
CA CYS B 177 28.38 23.40 -22.33
C CYS B 177 29.29 24.01 -21.28
N PHE B 178 28.86 25.06 -20.59
CA PHE B 178 29.76 25.73 -19.66
C PHE B 178 29.94 24.98 -18.35
N PRO B 179 28.87 24.60 -17.64
CA PRO B 179 29.08 23.88 -16.37
C PRO B 179 29.70 22.53 -16.58
N ALA B 180 29.38 21.84 -17.66
CA ALA B 180 30.04 20.59 -17.97
C ALA B 180 31.53 20.80 -18.14
N ALA B 181 31.92 21.80 -18.92
CA ALA B 181 33.34 22.09 -19.10
C ALA B 181 34.01 22.41 -17.77
N VAL B 182 33.33 23.16 -16.91
CA VAL B 182 33.92 23.53 -15.64
C VAL B 182 34.15 22.29 -14.77
N VAL B 183 33.10 21.49 -14.57
CA VAL B 183 33.24 20.33 -13.70
C VAL B 183 34.16 19.28 -14.30
N LEU B 184 34.36 19.32 -15.62
CA LEU B 184 35.27 18.37 -16.24
C LEU B 184 36.72 18.82 -16.13
N LEU B 185 36.97 20.12 -16.11
CA LEU B 185 38.32 20.66 -16.10
C LEU B 185 38.68 21.29 -14.76
N VAL B 186 38.03 20.86 -13.69
CA VAL B 186 38.38 21.29 -12.34
C VAL B 186 38.25 20.09 -11.42
N GLU B 187 39.33 19.76 -10.72
CA GLU B 187 39.37 18.54 -9.93
C GLU B 187 38.96 18.76 -8.48
N SER B 188 38.90 19.99 -8.01
CA SER B 188 38.63 20.25 -6.60
C SER B 188 37.14 20.25 -6.28
N ILE B 189 36.29 19.70 -7.14
CA ILE B 189 34.85 19.76 -6.96
C ILE B 189 34.32 18.39 -6.58
N THR B 190 33.40 18.38 -5.65
CA THR B 190 32.81 17.14 -5.16
C THR B 190 31.77 16.62 -6.16
N PRO B 191 31.68 15.31 -6.33
CA PRO B 191 30.71 14.77 -7.29
C PRO B 191 29.27 15.08 -6.94
N VAL B 192 28.93 15.16 -5.66
CA VAL B 192 27.58 15.54 -5.28
C VAL B 192 27.32 17.00 -5.65
N GLY B 193 28.26 17.88 -5.28
CA GLY B 193 28.12 19.27 -5.69
C GLY B 193 28.08 19.43 -7.19
N SER B 194 28.86 18.61 -7.90
CA SER B 194 28.84 18.68 -9.36
C SER B 194 27.49 18.27 -9.90
N LEU B 195 26.91 17.20 -9.34
CA LEU B 195 25.58 16.78 -9.77
C LEU B 195 24.55 17.87 -9.51
N LEU B 196 24.63 18.51 -8.34
CA LEU B 196 23.67 19.57 -8.07
C LEU B 196 23.85 20.75 -9.03
N ALA B 197 25.09 21.08 -9.35
CA ALA B 197 25.33 22.18 -10.28
C ALA B 197 24.75 21.86 -11.64
N LEU B 198 24.99 20.65 -12.14
CA LEU B 198 24.45 20.27 -13.44
C LEU B 198 22.93 20.21 -13.40
N MET B 199 22.36 19.78 -12.28
CA MET B 199 20.91 19.75 -12.16
C MET B 199 20.33 21.15 -12.25
N ALA B 200 20.92 22.08 -11.50
CA ALA B 200 20.46 23.46 -11.58
C ALA B 200 20.58 23.99 -12.99
N HIS B 201 21.66 23.64 -13.69
CA HIS B 201 21.85 24.21 -15.01
C HIS B 201 20.89 23.62 -16.03
N THR B 202 20.55 22.33 -15.91
CA THR B 202 19.60 21.77 -16.86
C THR B 202 18.19 22.24 -16.57
N ILE B 203 17.85 22.40 -15.29
CA ILE B 203 16.56 23.02 -14.96
C ILE B 203 16.49 24.41 -15.56
N LEU B 204 17.57 25.19 -15.42
CA LEU B 204 17.58 26.53 -15.98
C LEU B 204 17.46 26.49 -17.49
N PHE B 205 18.13 25.54 -18.14
CA PHE B 205 18.02 25.39 -19.58
C PHE B 205 16.57 25.22 -19.98
N LEU B 206 15.88 24.28 -19.35
CA LEU B 206 14.50 24.01 -19.74
C LEU B 206 13.60 25.19 -19.44
N LYS B 207 13.77 25.81 -18.28
CA LYS B 207 12.95 26.97 -17.92
C LYS B 207 13.13 28.09 -18.93
N LEU B 208 14.36 28.36 -19.36
CA LEU B 208 14.58 29.46 -20.28
C LEU B 208 14.11 29.11 -21.68
N PHE B 209 14.19 27.84 -22.06
CA PHE B 209 13.61 27.41 -23.32
C PHE B 209 12.13 27.76 -23.35
N SER B 210 11.43 27.44 -22.27
CA SER B 210 10.01 27.75 -22.20
C SER B 210 9.77 29.26 -22.15
N TYR B 211 10.63 29.98 -21.44
CA TYR B 211 10.51 31.44 -21.39
C TYR B 211 10.57 32.02 -22.79
N ARG B 212 11.56 31.61 -23.56
CA ARG B 212 11.68 32.07 -24.94
C ARG B 212 10.42 31.75 -25.72
N ASP B 213 9.95 30.50 -25.65
CA ASP B 213 8.80 30.14 -26.49
C ASP B 213 7.55 30.91 -26.10
N VAL B 214 7.31 31.08 -24.80
CA VAL B 214 6.10 31.78 -24.38
C VAL B 214 6.17 33.24 -24.79
N ASN B 215 7.31 33.89 -24.56
CA ASN B 215 7.42 35.29 -24.95
C ASN B 215 7.27 35.45 -26.44
N SER B 216 7.85 34.53 -27.23
CA SER B 216 7.70 34.60 -28.67
C SER B 216 6.24 34.46 -29.08
N TRP B 217 5.54 33.48 -28.50
CA TRP B 217 4.13 33.28 -28.84
C TRP B 217 3.32 34.53 -28.53
N CYS B 218 3.43 35.05 -27.32
CA CYS B 218 2.61 36.20 -26.96
C CYS B 218 3.02 37.45 -27.73
N ARG B 219 4.29 37.56 -28.11
CA ARG B 219 4.72 38.70 -28.92
C ARG B 219 4.13 38.62 -30.32
N ARG B 220 4.16 37.44 -30.94
CA ARG B 220 3.55 37.32 -32.26
C ARG B 220 2.04 37.48 -32.18
N ALA B 221 1.44 37.11 -31.06
CA ALA B 221 0.01 37.37 -30.88
C ALA B 221 -0.26 38.86 -30.84
N ARG B 222 0.53 39.61 -30.07
CA ARG B 222 0.39 41.05 -30.05
C ARG B 222 0.67 41.66 -31.42
N ALA B 223 1.59 41.07 -32.17
CA ALA B 223 1.88 41.56 -33.51
C ALA B 223 0.69 41.38 -34.44
N LYS B 224 0.09 40.19 -34.43
CA LYS B 224 -1.10 39.98 -35.24
C LYS B 224 -2.27 40.83 -34.78
N ALA B 225 -2.34 41.13 -33.48
CA ALA B 225 -3.38 42.03 -33.00
C ALA B 225 -3.10 43.47 -33.43
N ALA B 226 -1.83 43.82 -33.64
CA ALA B 226 -1.48 45.13 -34.16
C ALA B 226 -2.02 45.37 -35.56
N SER B 227 -2.49 44.32 -36.24
CA SER B 227 -3.18 44.47 -37.51
C SER B 227 -4.68 44.64 -37.33
N ALA B 228 -5.11 45.13 -36.18
CA ALA B 228 -6.53 45.30 -35.90
C ALA B 228 -7.16 46.34 -36.83
N HIS B 239 -5.39 41.29 -11.39
CA HIS B 239 -5.96 41.10 -12.71
C HIS B 239 -4.93 40.49 -13.66
N THR B 240 -5.42 39.94 -14.76
CA THR B 240 -4.54 39.30 -15.73
C THR B 240 -3.49 40.29 -16.24
N VAL B 241 -2.27 39.81 -16.43
CA VAL B 241 -1.17 40.60 -16.93
C VAL B 241 -1.05 40.38 -18.44
N SER B 242 -0.82 41.46 -19.17
CA SER B 242 -0.69 41.39 -20.62
C SER B 242 0.76 41.07 -20.98
N TYR B 243 1.11 41.22 -22.26
CA TYR B 243 2.40 40.73 -22.75
C TYR B 243 3.59 41.48 -22.18
N PRO B 244 3.78 42.77 -22.47
CA PRO B 244 5.11 43.36 -22.25
C PRO B 244 5.36 43.72 -20.80
N ASP B 245 4.29 44.01 -20.07
CA ASP B 245 4.41 44.49 -18.69
C ASP B 245 4.86 43.40 -17.73
N ASN B 246 5.12 42.19 -18.20
CA ASN B 246 5.58 41.13 -17.31
C ASN B 246 7.09 41.11 -17.14
N LEU B 247 7.84 41.70 -18.07
CA LEU B 247 9.29 41.58 -18.07
C LEU B 247 9.86 42.42 -16.94
N THR B 248 9.79 41.88 -15.73
CA THR B 248 10.40 42.49 -14.57
C THR B 248 11.30 41.46 -13.91
N TYR B 249 12.36 41.96 -13.26
CA TYR B 249 13.29 41.05 -12.59
C TYR B 249 12.56 40.15 -11.61
N ARG B 250 11.63 40.72 -10.83
CA ARG B 250 10.93 39.91 -9.85
C ARG B 250 10.16 38.79 -10.51
N ASP B 251 9.44 39.09 -11.59
CA ASP B 251 8.70 38.06 -12.29
C ASP B 251 9.62 36.96 -12.79
N LEU B 252 10.71 37.35 -13.46
CA LEU B 252 11.60 36.34 -14.02
C LEU B 252 12.15 35.45 -12.92
N TYR B 253 12.66 36.05 -11.84
CA TYR B 253 13.22 35.23 -10.78
C TYR B 253 12.17 34.35 -10.14
N TYR B 254 10.96 34.87 -9.96
CA TYR B 254 9.88 34.06 -9.43
C TYR B 254 9.68 32.83 -10.31
N PHE B 255 9.67 33.02 -11.62
CA PHE B 255 9.58 31.86 -12.50
C PHE B 255 10.77 30.94 -12.32
N LEU B 256 11.94 31.51 -12.05
CA LEU B 256 13.13 30.67 -11.92
C LEU B 256 12.99 29.72 -10.75
N PHE B 257 12.57 30.23 -9.60
CA PHE B 257 12.44 29.43 -8.40
C PHE B 257 11.06 28.81 -8.25
N ALA B 258 10.34 28.65 -9.32
CA ALA B 258 9.05 28.06 -9.05
C ALA B 258 9.04 26.60 -9.47
N PRO B 259 8.37 25.74 -8.71
CA PRO B 259 8.43 24.30 -9.00
C PRO B 259 7.70 23.93 -10.26
N THR B 260 8.20 24.38 -11.41
CA THR B 260 7.61 24.00 -12.68
C THR B 260 8.56 24.39 -13.78
N LEU B 261 8.39 23.77 -14.94
CA LEU B 261 9.25 24.04 -16.08
C LEU B 261 8.53 24.72 -17.22
N CYS B 262 7.27 25.10 -17.04
CA CYS B 262 6.49 25.70 -18.11
C CYS B 262 6.22 27.14 -17.71
N TYR B 263 6.84 28.08 -18.39
CA TYR B 263 6.62 29.48 -18.09
C TYR B 263 5.22 29.89 -18.48
N GLU B 264 4.62 30.76 -17.69
CA GLU B 264 3.26 31.19 -17.93
C GLU B 264 2.95 32.41 -17.09
N LEU B 265 2.49 33.49 -17.71
CA LEU B 265 2.07 34.65 -16.94
C LEU B 265 0.90 34.26 -16.05
N ASN B 266 0.75 34.99 -14.94
CA ASN B 266 -0.36 34.80 -14.02
C ASN B 266 -0.36 33.36 -13.48
N PHE B 267 0.68 33.05 -12.74
CA PHE B 267 0.74 31.76 -12.07
C PHE B 267 -0.31 31.73 -10.96
N PRO B 268 -1.14 30.70 -10.89
CA PRO B 268 -2.18 30.69 -9.87
C PRO B 268 -1.60 30.65 -8.47
N ARG B 269 -1.75 31.74 -7.75
CA ARG B 269 -1.16 31.82 -6.42
C ARG B 269 -2.06 31.15 -5.39
N SER B 270 -1.49 30.77 -4.34
CA SER B 270 -2.22 30.19 -3.25
C SER B 270 -2.53 31.25 -2.20
N PRO B 271 -3.64 31.13 -1.47
CA PRO B 271 -4.04 32.22 -0.56
C PRO B 271 -3.01 32.54 0.51
N ARG B 272 -2.58 31.55 1.29
CA ARG B 272 -1.74 31.83 2.45
C ARG B 272 -0.64 30.79 2.52
N ILE B 273 0.03 30.73 3.67
CA ILE B 273 1.30 30.00 3.78
C ILE B 273 1.11 28.65 4.46
N ARG B 274 0.16 28.56 5.40
CA ARG B 274 -0.13 27.28 6.07
C ARG B 274 1.11 26.73 6.78
N LYS B 275 1.53 27.45 7.82
CA LYS B 275 2.75 27.09 8.53
C LYS B 275 2.77 25.62 8.94
N ARG B 276 1.62 25.06 9.30
CA ARG B 276 1.58 23.65 9.69
C ARG B 276 1.98 22.75 8.53
N PHE B 277 1.39 22.98 7.36
CA PHE B 277 1.75 22.23 6.16
C PHE B 277 3.23 22.31 5.90
N LEU B 278 3.78 23.52 5.98
CA LEU B 278 5.20 23.71 5.76
C LEU B 278 6.02 22.88 6.72
N LEU B 279 5.66 22.92 8.00
CA LEU B 279 6.42 22.16 8.99
C LEU B 279 6.33 20.68 8.72
N ARG B 280 5.14 20.19 8.37
CA ARG B 280 5.00 18.77 8.04
C ARG B 280 5.94 18.39 6.92
N ARG B 281 6.01 19.24 5.90
CA ARG B 281 6.84 18.89 4.75
C ARG B 281 8.32 18.91 5.11
N ILE B 282 8.75 19.88 5.93
CA ILE B 282 10.15 19.89 6.33
C ILE B 282 10.48 18.67 7.16
N LEU B 283 9.56 18.26 8.03
CA LEU B 283 9.77 17.05 8.82
C LEU B 283 9.88 15.84 7.91
N GLU B 284 9.04 15.79 6.88
CA GLU B 284 9.13 14.69 5.92
C GLU B 284 10.50 14.65 5.27
N MET B 285 11.00 15.81 4.85
CA MET B 285 12.31 15.87 4.21
C MET B 285 13.38 15.33 5.15
N LEU B 286 13.43 15.85 6.38
CA LEU B 286 14.45 15.39 7.32
C LEU B 286 14.34 13.90 7.60
N PHE B 287 13.12 13.44 7.88
CA PHE B 287 12.88 12.04 8.17
C PHE B 287 13.40 11.16 7.05
N PHE B 288 12.90 11.37 5.84
CA PHE B 288 13.29 10.48 4.76
C PHE B 288 14.76 10.62 4.41
N THR B 289 15.35 11.79 4.65
CA THR B 289 16.79 11.92 4.46
C THR B 289 17.55 10.98 5.37
N GLN B 290 17.25 11.05 6.68
CA GLN B 290 17.91 10.16 7.62
C GLN B 290 17.63 8.70 7.31
N LEU B 291 16.40 8.41 6.89
CA LEU B 291 16.03 7.03 6.58
C LEU B 291 16.80 6.51 5.39
N GLN B 292 17.04 7.36 4.40
CA GLN B 292 17.77 6.92 3.22
C GLN B 292 19.24 6.76 3.51
N VAL B 293 19.80 7.65 4.32
CA VAL B 293 21.16 7.46 4.80
C VAL B 293 21.28 6.09 5.46
N GLY B 294 20.30 5.77 6.32
CA GLY B 294 20.31 4.47 6.97
C GLY B 294 20.28 3.33 5.97
N LEU B 295 19.34 3.39 5.03
CA LEU B 295 19.24 2.37 3.98
C LEU B 295 20.58 2.15 3.31
N ILE B 296 21.21 3.23 2.85
CA ILE B 296 22.45 3.08 2.12
C ILE B 296 23.53 2.48 3.01
N GLN B 297 23.75 3.08 4.18
CA GLN B 297 24.85 2.65 5.04
C GLN B 297 24.71 1.21 5.46
N GLN B 298 23.51 0.78 5.84
CA GLN B 298 23.34 -0.51 6.48
C GLN B 298 22.81 -1.59 5.54
N TRP B 299 22.49 -1.27 4.32
CA TRP B 299 22.02 -2.34 3.46
C TRP B 299 22.77 -2.39 2.13
N MET B 300 23.10 -1.24 1.55
CA MET B 300 23.65 -1.25 0.21
C MET B 300 25.17 -1.22 0.21
N VAL B 301 25.78 -0.45 1.10
CA VAL B 301 27.24 -0.36 1.14
C VAL B 301 27.85 -1.71 1.50
N PRO B 302 27.50 -2.36 2.61
CA PRO B 302 28.16 -3.62 2.95
C PRO B 302 28.04 -4.67 1.87
N THR B 303 26.91 -4.72 1.17
CA THR B 303 26.75 -5.67 0.08
C THR B 303 27.79 -5.46 -1.01
N ILE B 304 28.37 -4.27 -1.10
CA ILE B 304 29.44 -4.02 -2.04
C ILE B 304 30.80 -4.21 -1.37
N GLN B 305 30.93 -3.75 -0.13
CA GLN B 305 32.19 -3.92 0.58
C GLN B 305 32.57 -5.38 0.72
N ASN B 306 31.59 -6.28 0.64
CA ASN B 306 31.91 -7.70 0.67
C ASN B 306 32.69 -8.12 -0.58
N SER B 307 32.49 -7.42 -1.70
CA SER B 307 33.27 -7.69 -2.91
C SER B 307 33.40 -6.38 -3.68
N MET B 308 34.49 -5.67 -3.43
CA MET B 308 34.72 -4.36 -4.04
C MET B 308 35.46 -4.53 -5.36
N LYS B 309 34.70 -4.87 -6.40
CA LYS B 309 35.23 -5.06 -7.73
C LYS B 309 34.33 -4.35 -8.73
N PRO B 310 34.87 -3.52 -9.62
CA PRO B 310 34.01 -2.70 -10.49
C PRO B 310 33.32 -3.52 -11.57
N PHE B 311 32.22 -2.97 -12.07
CA PHE B 311 31.48 -3.61 -13.15
C PHE B 311 32.19 -3.45 -14.48
N LYS B 312 32.93 -2.37 -14.66
CA LYS B 312 33.63 -2.14 -15.91
C LYS B 312 34.53 -3.29 -16.32
N ASP B 313 34.87 -4.16 -15.37
CA ASP B 313 35.76 -5.28 -15.65
C ASP B 313 35.08 -6.63 -15.49
N MET B 314 33.90 -6.69 -14.87
CA MET B 314 33.22 -7.95 -14.64
C MET B 314 32.68 -8.51 -15.95
N ASP B 315 32.12 -9.71 -15.88
CA ASP B 315 31.42 -10.34 -16.97
C ASP B 315 29.93 -10.44 -16.65
N TYR B 316 29.14 -10.63 -17.71
CA TYR B 316 27.68 -10.58 -17.57
C TYR B 316 27.19 -11.39 -16.39
N SER B 317 27.74 -12.59 -16.21
CA SER B 317 27.31 -13.48 -15.14
C SER B 317 27.46 -12.80 -13.78
N ARG B 318 28.68 -12.36 -13.46
CA ARG B 318 28.92 -11.75 -12.17
C ARG B 318 28.15 -10.43 -12.03
N ILE B 319 28.05 -9.67 -13.12
CA ILE B 319 27.28 -8.44 -13.08
C ILE B 319 25.86 -8.70 -12.60
N ILE B 320 25.15 -9.59 -13.31
CA ILE B 320 23.77 -9.86 -12.94
C ILE B 320 23.69 -10.51 -11.57
N GLU B 321 24.68 -11.33 -11.21
CA GLU B 321 24.65 -11.97 -9.90
C GLU B 321 24.75 -10.94 -8.78
N ARG B 322 25.49 -9.86 -9.02
CA ARG B 322 25.56 -8.79 -8.04
C ARG B 322 24.31 -7.91 -8.08
N LEU B 323 23.79 -7.66 -9.27
CA LEU B 323 22.63 -6.79 -9.39
C LEU B 323 21.41 -7.40 -8.74
N LEU B 324 21.25 -8.71 -8.82
CA LEU B 324 20.10 -9.33 -8.18
C LEU B 324 20.13 -9.12 -6.68
N LYS B 325 21.32 -9.04 -6.09
CA LYS B 325 21.40 -8.77 -4.67
C LYS B 325 21.29 -7.29 -4.36
N LEU B 326 21.64 -6.42 -5.32
CA LEU B 326 21.56 -4.99 -5.07
C LEU B 326 20.21 -4.38 -5.40
N ALA B 327 19.36 -5.09 -6.14
CA ALA B 327 18.18 -4.46 -6.72
C ALA B 327 17.25 -3.89 -5.66
N VAL B 328 16.71 -4.74 -4.80
CA VAL B 328 15.65 -4.31 -3.89
C VAL B 328 16.03 -3.08 -3.08
N PRO B 329 17.20 -3.02 -2.42
CA PRO B 329 17.52 -1.80 -1.69
C PRO B 329 17.61 -0.59 -2.59
N ASN B 330 18.17 -0.77 -3.78
CA ASN B 330 18.20 0.30 -4.76
C ASN B 330 16.79 0.81 -5.02
N HIS B 331 15.86 -0.10 -5.23
CA HIS B 331 14.49 0.30 -5.53
C HIS B 331 13.87 1.07 -4.37
N LEU B 332 14.14 0.65 -3.13
CA LEU B 332 13.60 1.38 -2.01
C LEU B 332 14.20 2.77 -1.91
N ILE B 333 15.51 2.89 -2.15
CA ILE B 333 16.16 4.20 -2.16
C ILE B 333 15.54 5.08 -3.22
N TRP B 334 15.22 4.50 -4.37
CA TRP B 334 14.64 5.27 -5.46
C TRP B 334 13.26 5.78 -5.08
N LEU B 335 12.44 4.91 -4.48
CA LEU B 335 11.12 5.34 -4.03
C LEU B 335 11.24 6.47 -3.02
N ILE B 336 12.24 6.40 -2.15
CA ILE B 336 12.35 7.46 -1.16
C ILE B 336 12.86 8.75 -1.80
N PHE B 337 13.76 8.67 -2.79
CA PHE B 337 14.07 9.85 -3.59
C PHE B 337 12.79 10.48 -4.11
N PHE B 338 11.94 9.68 -4.75
CA PHE B 338 10.71 10.21 -5.30
C PHE B 338 9.91 10.93 -4.23
N TYR B 339 9.58 10.24 -3.16
CA TYR B 339 8.68 10.86 -2.20
C TYR B 339 9.32 12.05 -1.52
N TRP B 340 10.64 12.05 -1.36
CA TRP B 340 11.28 13.15 -0.66
C TRP B 340 11.40 14.38 -1.55
N LEU B 341 11.55 14.19 -2.85
CA LEU B 341 11.76 15.29 -3.78
C LEU B 341 10.48 15.77 -4.44
N PHE B 342 9.74 14.87 -5.08
CA PHE B 342 8.58 15.26 -5.85
C PHE B 342 7.35 15.56 -5.01
N HIS B 343 7.37 15.26 -3.76
CA HIS B 343 6.20 15.62 -2.98
C HIS B 343 6.52 16.48 -1.78
N SER B 344 7.67 16.26 -1.14
CA SER B 344 8.00 17.04 0.03
C SER B 344 8.75 18.32 -0.34
N CYS B 345 9.87 18.18 -1.04
CA CYS B 345 10.68 19.33 -1.36
C CYS B 345 9.89 20.34 -2.19
N LEU B 346 9.29 19.88 -3.29
CA LEU B 346 8.59 20.80 -4.17
C LEU B 346 7.41 21.44 -3.47
N ASN B 347 6.72 20.68 -2.61
CA ASN B 347 5.59 21.27 -1.90
C ASN B 347 6.07 22.33 -0.91
N ALA B 348 7.15 22.04 -0.19
CA ALA B 348 7.68 23.04 0.74
C ALA B 348 8.07 24.30 0.00
N VAL B 349 8.74 24.14 -1.14
CA VAL B 349 9.10 25.30 -1.94
C VAL B 349 7.86 26.07 -2.35
N ALA B 350 6.96 25.41 -3.07
CA ALA B 350 5.74 26.07 -3.53
C ALA B 350 4.90 26.62 -2.39
N GLU B 351 5.18 26.22 -1.16
CA GLU B 351 4.49 26.83 -0.03
C GLU B 351 5.19 28.09 0.44
N LEU B 352 6.52 28.05 0.54
CA LEU B 352 7.29 29.24 0.86
C LEU B 352 6.94 30.39 -0.08
N MET B 353 6.51 30.06 -1.29
CA MET B 353 6.20 31.05 -2.31
C MET B 353 4.93 30.58 -3.00
N GLN B 354 3.78 31.09 -2.54
CA GLN B 354 2.49 30.51 -2.91
C GLN B 354 2.45 30.25 -4.41
N PHE B 355 2.37 28.99 -4.80
CA PHE B 355 2.34 28.61 -6.19
C PHE B 355 1.10 27.86 -6.60
N GLY B 356 0.37 27.29 -5.66
CA GLY B 356 -0.95 26.77 -6.00
C GLY B 356 -1.05 25.49 -6.79
N ASP B 357 -0.35 25.37 -7.91
CA ASP B 357 -0.59 24.28 -8.83
C ASP B 357 -0.35 22.91 -8.20
N ARG B 358 0.89 22.60 -7.86
CA ARG B 358 1.21 21.44 -7.04
C ARG B 358 0.76 20.11 -7.66
N GLU B 359 0.64 20.03 -8.97
CA GLU B 359 0.46 18.72 -9.61
C GLU B 359 1.81 18.28 -10.14
N PHE B 360 2.61 17.72 -9.26
CA PHE B 360 3.93 17.28 -9.66
C PHE B 360 3.96 15.85 -10.17
N TYR B 361 2.92 15.06 -9.91
CA TYR B 361 2.91 13.66 -10.32
C TYR B 361 1.48 13.18 -10.34
N ARG B 362 1.15 12.35 -11.31
CA ARG B 362 -0.12 11.67 -11.31
C ARG B 362 0.11 10.25 -10.78
N ASP B 363 -0.91 9.41 -10.83
CA ASP B 363 -0.83 8.09 -10.21
C ASP B 363 0.07 7.20 -11.05
N TRP B 364 1.37 7.42 -10.93
CA TRP B 364 2.31 6.64 -11.73
C TRP B 364 2.40 5.20 -11.27
N TRP B 365 1.96 4.90 -10.05
CA TRP B 365 2.11 3.55 -9.53
C TRP B 365 1.18 2.60 -10.23
N ASN B 366 -0.13 2.81 -10.09
CA ASN B 366 -1.09 1.92 -10.72
C ASN B 366 -1.15 2.20 -12.21
N SER B 367 -0.07 1.92 -12.91
CA SER B 367 0.12 2.30 -14.30
C SER B 367 0.23 1.05 -15.14
N GLU B 368 -0.86 0.65 -15.79
CA GLU B 368 -0.87 -0.64 -16.46
C GLU B 368 -0.19 -0.54 -17.82
N SER B 369 0.98 0.10 -17.87
CA SER B 369 1.74 0.30 -19.09
C SER B 369 3.00 1.08 -18.72
N VAL B 370 3.89 1.23 -19.69
CA VAL B 370 5.05 2.09 -19.49
C VAL B 370 4.79 3.50 -19.97
N THR B 371 4.21 3.62 -21.16
CA THR B 371 3.89 4.95 -21.68
C THR B 371 2.93 5.68 -20.76
N TYR B 372 2.19 4.96 -19.92
CA TYR B 372 1.41 5.61 -18.88
C TYR B 372 2.24 5.90 -17.65
N PHE B 373 3.32 5.17 -17.43
CA PHE B 373 4.18 5.50 -16.31
C PHE B 373 4.93 6.80 -16.56
N TRP B 374 5.45 6.96 -17.77
CA TRP B 374 6.23 8.16 -18.06
C TRP B 374 5.36 9.39 -18.12
N GLN B 375 4.12 9.25 -18.56
CA GLN B 375 3.21 10.38 -18.62
C GLN B 375 2.69 10.80 -17.25
N ASN B 376 3.08 10.13 -16.19
CA ASN B 376 2.59 10.50 -14.86
C ASN B 376 3.66 10.57 -13.80
N TRP B 377 4.84 10.03 -14.03
CA TRP B 377 5.99 10.31 -13.21
C TRP B 377 6.60 11.63 -13.64
N ASN B 378 6.79 12.54 -12.68
CA ASN B 378 7.42 13.82 -12.98
C ASN B 378 6.63 14.60 -14.03
N ILE B 379 5.44 15.02 -13.61
CA ILE B 379 4.54 15.79 -14.47
C ILE B 379 5.26 16.97 -15.13
N PRO B 380 5.93 17.86 -14.40
CA PRO B 380 6.53 19.02 -15.07
C PRO B 380 7.32 18.68 -16.31
N VAL B 381 8.21 17.70 -16.22
CA VAL B 381 8.98 17.30 -17.39
C VAL B 381 8.07 16.76 -18.48
N HIS B 382 6.96 16.13 -18.12
CA HIS B 382 6.08 15.60 -19.15
C HIS B 382 5.40 16.72 -19.91
N LYS B 383 4.78 17.64 -19.19
CA LYS B 383 4.10 18.73 -19.90
C LYS B 383 5.09 19.59 -20.65
N TRP B 384 6.33 19.68 -20.16
CA TRP B 384 7.36 20.35 -20.94
C TRP B 384 7.60 19.63 -22.25
N CYS B 385 7.99 18.36 -22.18
CA CYS B 385 8.27 17.61 -23.40
C CYS B 385 7.08 17.63 -24.35
N ILE B 386 5.87 17.75 -23.82
CA ILE B 386 4.70 17.79 -24.68
C ILE B 386 4.57 19.14 -25.38
N ARG B 387 4.42 20.22 -24.61
CA ARG B 387 4.06 21.49 -25.22
C ARG B 387 5.26 22.35 -25.56
N HIS B 388 6.47 21.80 -25.56
CA HIS B 388 7.60 22.48 -26.16
C HIS B 388 8.45 21.57 -27.03
N PHE B 389 8.22 20.26 -27.03
CA PHE B 389 9.07 19.36 -27.80
C PHE B 389 8.31 18.30 -28.56
N TYR B 390 7.07 17.95 -28.17
CA TYR B 390 6.30 16.94 -28.89
C TYR B 390 5.29 17.59 -29.83
N LYS B 391 4.39 18.40 -29.29
CA LYS B 391 3.46 19.14 -30.13
C LYS B 391 4.14 19.95 -31.21
N PRO B 392 5.24 20.68 -30.96
CA PRO B 392 5.89 21.38 -32.06
C PRO B 392 6.36 20.44 -33.15
N MET B 393 7.11 19.40 -32.79
CA MET B 393 7.61 18.51 -33.81
C MET B 393 6.51 17.74 -34.50
N LEU B 394 5.26 17.89 -34.04
CA LEU B 394 4.13 17.36 -34.77
C LEU B 394 3.55 18.41 -35.72
N ARG B 395 3.37 19.64 -35.25
CA ARG B 395 2.93 20.69 -36.15
C ARG B 395 4.05 21.07 -37.12
N ARG B 396 5.28 21.09 -36.65
CA ARG B 396 6.45 21.32 -37.51
C ARG B 396 7.03 20.00 -37.99
N GLY B 397 6.19 19.16 -38.55
CA GLY B 397 6.64 17.85 -38.98
C GLY B 397 5.48 16.87 -38.96
N SER B 398 5.82 15.62 -38.66
CA SER B 398 4.86 14.51 -38.70
C SER B 398 5.51 13.31 -38.01
N SER B 399 4.89 12.14 -38.16
CA SER B 399 5.41 10.86 -37.69
C SER B 399 5.60 10.86 -36.17
N LYS B 400 4.47 10.89 -35.47
CA LYS B 400 4.42 10.83 -34.02
C LYS B 400 5.37 9.77 -33.47
N TRP B 401 5.58 8.69 -34.20
CA TRP B 401 6.61 7.73 -33.83
C TRP B 401 7.98 8.40 -33.77
N MET B 402 8.35 9.10 -34.84
CA MET B 402 9.62 9.81 -34.85
C MET B 402 9.69 10.83 -33.74
N ALA B 403 8.59 11.54 -33.48
CA ALA B 403 8.58 12.56 -32.44
C ALA B 403 8.84 11.95 -31.07
N ARG B 404 8.09 10.90 -30.73
CA ARG B 404 8.27 10.31 -29.40
C ARG B 404 9.65 9.67 -29.26
N THR B 405 10.17 9.09 -30.34
CA THR B 405 11.53 8.58 -30.27
C THR B 405 12.52 9.71 -30.04
N GLY B 406 12.26 10.87 -30.64
CA GLY B 406 13.12 12.02 -30.37
C GLY B 406 13.03 12.46 -28.92
N VAL B 407 11.84 12.40 -28.35
CA VAL B 407 11.67 12.74 -26.93
C VAL B 407 12.53 11.82 -26.08
N PHE B 408 12.42 10.52 -26.33
CA PHE B 408 13.19 9.58 -25.53
C PHE B 408 14.69 9.73 -25.77
N LEU B 409 15.08 10.07 -27.00
CA LEU B 409 16.48 10.29 -27.30
C LEU B 409 17.04 11.47 -26.54
N ALA B 410 16.32 12.59 -26.57
CA ALA B 410 16.78 13.77 -25.84
C ALA B 410 16.83 13.50 -24.35
N SER B 411 15.83 12.81 -23.81
CA SER B 411 15.83 12.53 -22.40
C SER B 411 16.98 11.62 -22.02
N ALA B 412 17.33 10.67 -22.89
CA ALA B 412 18.46 9.81 -22.63
C ALA B 412 19.75 10.60 -22.62
N PHE B 413 19.93 11.49 -23.59
CA PHE B 413 21.10 12.35 -23.58
C PHE B 413 21.17 13.15 -22.29
N PHE B 414 20.03 13.64 -21.83
CA PHE B 414 20.03 14.44 -20.60
C PHE B 414 20.39 13.59 -19.39
N HIS B 415 19.88 12.36 -19.33
CA HIS B 415 20.26 11.47 -18.24
C HIS B 415 21.76 11.25 -18.24
N GLU B 416 22.32 10.97 -19.40
CA GLU B 416 23.76 10.72 -19.48
C GLU B 416 24.55 11.95 -19.05
N TYR B 417 24.22 13.10 -19.62
CA TYR B 417 24.83 14.36 -19.21
C TYR B 417 24.68 14.58 -17.71
N LEU B 418 23.64 14.02 -17.11
CA LEU B 418 23.39 14.29 -15.71
C LEU B 418 24.17 13.38 -14.78
N VAL B 419 24.39 12.13 -15.16
CA VAL B 419 25.02 11.18 -14.25
C VAL B 419 26.48 10.96 -14.58
N SER B 420 26.85 10.93 -15.86
CA SER B 420 28.21 10.59 -16.23
C SER B 420 29.16 11.73 -15.88
N VAL B 421 28.90 12.90 -16.43
CA VAL B 421 29.77 14.07 -16.31
C VAL B 421 30.15 14.36 -14.86
N PRO B 422 29.26 14.26 -13.87
CA PRO B 422 29.71 14.48 -12.49
C PRO B 422 30.65 13.40 -11.99
N LEU B 423 30.75 12.26 -12.67
CA LEU B 423 31.63 11.19 -12.26
C LEU B 423 32.71 10.90 -13.29
N ARG B 424 32.79 11.71 -14.34
CA ARG B 424 33.82 11.57 -15.37
C ARG B 424 33.84 10.17 -15.98
N MET B 425 32.71 9.49 -15.96
CA MET B 425 32.55 8.22 -16.63
C MET B 425 31.83 8.45 -17.96
N PHE B 426 31.97 7.48 -18.87
CA PHE B 426 31.23 7.57 -20.12
C PHE B 426 30.75 6.19 -20.56
N ARG B 427 30.44 5.31 -19.61
CA ARG B 427 30.05 3.94 -19.94
C ARG B 427 28.80 3.85 -20.79
N LEU B 428 28.08 4.96 -20.98
CA LEU B 428 26.93 5.02 -21.88
C LEU B 428 25.81 4.08 -21.43
N TRP B 429 25.69 3.85 -20.12
CA TRP B 429 24.72 2.88 -19.64
C TRP B 429 23.33 3.49 -19.52
N ALA B 430 23.22 4.64 -18.87
CA ALA B 430 21.91 5.25 -18.66
C ALA B 430 21.23 5.52 -19.99
N PHE B 431 21.99 5.96 -20.99
CA PHE B 431 21.46 6.09 -22.33
C PHE B 431 20.86 4.77 -22.80
N THR B 432 21.60 3.68 -22.57
CA THR B 432 21.12 2.38 -23.03
C THR B 432 19.82 2.01 -22.33
N GLY B 433 19.71 2.31 -21.04
CA GLY B 433 18.48 1.97 -20.33
C GLY B 433 17.29 2.77 -20.82
N MET B 434 17.45 4.09 -20.90
CA MET B 434 16.37 4.93 -21.40
C MET B 434 15.96 4.50 -22.80
N MET B 435 16.91 4.07 -23.62
CA MET B 435 16.56 3.65 -24.97
C MET B 435 15.85 2.30 -24.96
N ALA B 436 16.36 1.35 -24.18
CA ALA B 436 15.72 0.03 -24.12
C ALA B 436 14.34 0.09 -23.51
N GLN B 437 13.98 1.21 -22.87
CA GLN B 437 12.60 1.38 -22.43
C GLN B 437 11.61 1.13 -23.57
N ILE B 438 11.96 1.55 -24.78
CA ILE B 438 11.05 1.47 -25.94
C ILE B 438 10.68 0.01 -26.23
N PRO B 439 11.65 -0.87 -26.51
CA PRO B 439 11.28 -2.28 -26.68
C PRO B 439 10.62 -2.84 -25.45
N LEU B 440 11.04 -2.39 -24.27
CA LEU B 440 10.41 -2.83 -23.04
C LEU B 440 8.95 -2.40 -23.01
N ALA B 441 8.67 -1.18 -23.45
CA ALA B 441 7.29 -0.71 -23.49
C ALA B 441 6.46 -1.56 -24.42
N TRP B 442 6.97 -1.83 -25.63
CA TRP B 442 6.20 -2.67 -26.54
C TRP B 442 5.99 -4.07 -25.97
N PHE B 443 7.00 -4.59 -25.29
CA PHE B 443 6.89 -5.91 -24.67
C PHE B 443 5.74 -5.95 -23.67
N VAL B 444 5.77 -5.05 -22.69
CA VAL B 444 4.76 -5.06 -21.65
C VAL B 444 3.39 -4.75 -22.25
N GLY B 445 3.34 -3.97 -23.33
CA GLY B 445 2.07 -3.68 -23.96
C GLY B 445 1.48 -4.88 -24.67
N ARG B 446 2.33 -5.67 -25.33
CA ARG B 446 1.83 -6.81 -26.08
C ARG B 446 1.45 -7.96 -25.17
N PHE B 447 2.20 -8.18 -24.09
CA PHE B 447 1.99 -9.42 -23.35
C PHE B 447 1.00 -9.28 -22.21
N PHE B 448 1.27 -8.39 -21.26
CA PHE B 448 0.49 -8.36 -20.03
C PHE B 448 -0.64 -7.35 -20.13
N GLN B 449 -1.61 -7.50 -19.24
CA GLN B 449 -2.74 -6.59 -19.12
C GLN B 449 -3.07 -6.43 -17.65
N GLY B 450 -3.95 -5.48 -17.38
CA GLY B 450 -4.53 -5.28 -16.06
C GLY B 450 -3.49 -5.27 -14.96
N ASN B 451 -3.91 -5.73 -13.78
CA ASN B 451 -2.99 -5.79 -12.65
C ASN B 451 -1.75 -6.61 -12.98
N TYR B 452 -1.88 -7.58 -13.89
CA TYR B 452 -0.69 -8.28 -14.34
C TYR B 452 0.26 -7.33 -15.05
N GLY B 453 -0.28 -6.45 -15.89
CA GLY B 453 0.55 -5.44 -16.51
C GLY B 453 1.17 -4.49 -15.51
N ASN B 454 0.43 -4.15 -14.47
CA ASN B 454 0.98 -3.28 -13.44
C ASN B 454 2.15 -3.94 -12.73
N ALA B 455 2.02 -5.23 -12.44
CA ALA B 455 3.14 -5.95 -11.86
C ALA B 455 4.31 -5.98 -12.82
N ALA B 456 4.04 -6.16 -14.10
CA ALA B 456 5.12 -6.14 -15.09
C ALA B 456 5.85 -4.81 -15.06
N VAL B 457 5.11 -3.71 -14.94
CA VAL B 457 5.75 -2.40 -14.88
C VAL B 457 6.57 -2.28 -13.61
N TRP B 458 6.05 -2.76 -12.49
CA TRP B 458 6.82 -2.70 -11.27
C TRP B 458 8.14 -3.44 -11.43
N LEU B 459 8.12 -4.60 -12.08
CA LEU B 459 9.36 -5.29 -12.38
C LEU B 459 10.26 -4.42 -13.23
N SER B 460 9.69 -3.83 -14.28
CA SER B 460 10.45 -2.92 -15.14
C SER B 460 11.02 -1.74 -14.37
N LEU B 461 10.53 -1.49 -13.16
CA LEU B 461 11.12 -0.44 -12.34
C LEU B 461 12.15 -0.97 -11.38
N ILE B 462 11.99 -2.20 -10.92
CA ILE B 462 12.90 -2.72 -9.91
C ILE B 462 14.26 -3.02 -10.52
N ILE B 463 14.29 -3.74 -11.63
CA ILE B 463 15.58 -3.95 -12.28
C ILE B 463 15.81 -2.81 -13.27
N GLY B 464 15.04 -2.77 -14.34
CA GLY B 464 14.77 -1.59 -15.13
C GLY B 464 15.81 -0.50 -15.29
N GLN B 465 15.36 0.73 -15.16
CA GLN B 465 16.14 1.94 -15.35
C GLN B 465 16.96 2.34 -14.11
N PRO B 466 16.38 2.39 -12.91
CA PRO B 466 17.15 2.90 -11.77
C PRO B 466 18.32 2.01 -11.38
N ILE B 467 18.58 0.96 -12.15
CA ILE B 467 19.78 0.19 -11.92
C ILE B 467 20.97 0.80 -12.64
N ALA B 468 20.73 1.66 -13.62
CA ALA B 468 21.84 2.27 -14.35
C ALA B 468 22.60 3.24 -13.45
N VAL B 469 21.89 4.15 -12.80
CA VAL B 469 22.52 5.03 -11.84
C VAL B 469 23.24 4.22 -10.79
N LEU B 470 22.70 3.06 -10.41
CA LEU B 470 23.36 2.26 -9.40
C LEU B 470 24.66 1.67 -9.93
N MET B 471 24.66 1.21 -11.17
CA MET B 471 25.91 0.71 -11.76
C MET B 471 26.96 1.80 -11.78
N TYR B 472 26.58 3.02 -12.17
CA TYR B 472 27.54 4.11 -12.19
C TYR B 472 28.09 4.39 -10.80
N VAL B 473 27.21 4.53 -9.81
CA VAL B 473 27.69 4.84 -8.46
C VAL B 473 28.52 3.69 -7.91
N HIS B 474 28.19 2.45 -8.27
CA HIS B 474 28.97 1.31 -7.83
C HIS B 474 30.40 1.40 -8.37
N ASP B 475 30.53 1.51 -9.69
CA ASP B 475 31.86 1.57 -10.28
C ASP B 475 32.61 2.83 -9.90
N TYR B 476 31.92 3.84 -9.38
CA TYR B 476 32.67 4.98 -8.85
C TYR B 476 33.10 4.75 -7.41
N TYR B 477 32.26 4.08 -6.61
CA TYR B 477 32.57 3.93 -5.20
C TYR B 477 33.65 2.88 -4.97
N VAL B 478 33.62 1.78 -5.73
CA VAL B 478 34.64 0.77 -5.54
C VAL B 478 35.99 1.30 -5.98
N LEU B 479 36.02 2.24 -6.91
CA LEU B 479 37.28 2.77 -7.42
C LEU B 479 37.89 3.82 -6.51
N ASN B 480 37.21 4.22 -5.43
CA ASN B 480 37.72 5.34 -4.65
C ASN B 480 37.79 5.03 -3.16
N TYR B 481 36.93 4.14 -2.66
CA TYR B 481 36.92 3.86 -1.23
C TYR B 481 37.19 2.40 -0.93
C1 WTT C . -24.29 0.47 14.76
C2 WTT C . -23.37 -0.76 14.80
C3 WTT C . -22.48 -0.76 16.03
C7 WTT C . -20.99 -5.30 14.44
C8 WTT C . -20.15 -6.39 14.61
C9 WTT C . -19.34 -6.46 15.74
C10 WTT C . -18.36 -7.56 15.90
C11 WTT C . -17.94 -8.29 14.84
C12 WTT C . -16.33 -10.06 14.12
C13 WTT C . -15.42 -10.77 14.84
C14 WTT C . -14.24 -11.49 14.30
C15 WTT C . -12.25 -12.58 15.17
C16 WTT C . -11.81 -13.88 14.54
C19 WTT C . -11.01 -16.28 13.38
C20 WTT C . -10.03 -18.43 13.50
C21 WTT C . -10.20 -15.67 14.33
N WTT C . -16.95 -9.24 15.02
C WTT C . -24.69 0.91 13.37
N1 WTT C . -13.69 -12.40 15.10
N2 WTT C . -15.45 -10.42 16.17
C4 WTT C . -21.41 -1.85 15.95
C5 WTT C . -21.87 -3.03 15.11
C6 WTT C . -21.04 -4.27 15.35
O WTT C . -25.40 0.04 12.71
C17 WTT C . -12.60 -14.52 13.59
C18 WTT C . -12.22 -15.71 13.02
O1 WTT C . -10.63 -17.49 12.77
C22 WTT C . -10.61 -14.47 14.89
C23 WTT C . -16.38 -9.48 16.26
C24 WTT C . -16.83 -8.72 17.36
C25 WTT C . -17.79 -7.81 17.17
C26 WTT C . -19.42 -5.45 16.68
C27 WTT C . -20.26 -4.37 16.49
C28 WTT C . -23.37 -3.24 15.32
C29 WTT C . -24.16 -2.07 14.75
F WTT C . -10.14 -19.62 12.93
F1 WTT C . -8.73 -18.19 13.66
F2 WTT C . -10.56 -18.54 14.71
O2 WTT C . -13.82 -11.25 13.17
O3 WTT C . -24.36 1.99 12.91
C1 WTT D . 2.49 9.97 -26.29
C2 WTT D . 3.91 10.20 -25.77
C3 WTT D . 4.12 11.64 -25.29
C7 WTT D . 7.02 12.21 -21.82
C8 WTT D . 8.09 12.36 -20.98
C9 WTT D . 9.17 11.50 -21.03
C10 WTT D . 10.27 11.58 -20.04
C11 WTT D . 10.10 12.20 -18.84
C12 WTT D . 11.15 12.67 -16.64
C13 WTT D . 12.38 12.35 -16.15
C14 WTT D . 12.61 12.11 -14.70
C15 WTT D . 14.99 11.73 -14.35
C16 WTT D . 15.35 12.37 -13.03
C19 WTT D . 16.08 13.59 -10.64
C20 WTT D . 17.74 14.43 -9.21
C21 WTT D . 16.64 12.37 -10.99
N WTT D . 11.10 12.18 -17.91
C WTT D . 1.41 10.60 -25.43
N1 WTT D . 13.61 11.29 -14.41
N2 WTT D . 13.11 11.65 -17.08
C4 WTT D . 5.50 11.87 -24.70
C5 WTT D . 5.72 10.90 -23.55
C6 WTT D . 6.98 11.17 -22.73
O WTT D . 1.29 10.09 -24.23
C17 WTT D . 14.78 13.57 -12.65
C18 WTT D . 15.14 14.19 -11.46
O1 WTT D . 16.45 14.23 -9.44
C22 WTT D . 16.27 11.78 -12.18
C23 WTT D . 12.32 11.56 -18.15
C24 WTT D . 12.52 10.93 -19.39
C25 WTT D . 11.52 10.96 -20.30
C26 WTT D . 9.16 10.48 -21.99
C27 WTT D . 8.08 10.33 -22.82
C28 WTT D . 5.65 9.47 -24.07
C29 WTT D . 4.26 9.22 -24.65
F WTT D . 18.42 14.62 -10.33
F1 WTT D . 18.28 13.40 -8.59
F2 WTT D . 17.95 15.49 -8.45
O2 WTT D . 11.93 12.66 -13.84
O3 WTT D . 0.70 11.51 -25.83
#